data_4QUO
#
_entry.id   4QUO
#
_cell.length_a   223.707
_cell.length_b   223.707
_cell.length_c   57.769
_cell.angle_alpha   90.00
_cell.angle_beta   90.00
_cell.angle_gamma   120.00
#
_symmetry.space_group_name_H-M   'H 3'
#
loop_
_entity.id
_entity.type
_entity.pdbx_description
1 polymer 'Aminopeptidase N'
2 non-polymer '(2S)-2-[3-(aminomethyl)benzyl]-3-[(R)-[(1R)-1-amino-3-phenylpropyl](hydroxy)phosphoryl]propanoic acid'
3 non-polymer GLYCEROL
4 non-polymer IMIDAZOLE
5 non-polymer 'ZINC ION'
6 non-polymer 'SULFATE ION'
7 water water
#
_entity_poly.entity_id   1
_entity_poly.type   'polypeptide(L)'
_entity_poly.pdbx_seq_one_letter_code
;KTVHYLKDYQTPAYHILKTDLHFDINEPQTVVKSRLTVEPQRVGEPLVLDGSAKLLSVKINGAAADYVLEGETLTIAGVP
SERFTVEVETEILPAENKSL(MSE)GLYASGGNLFTQCEPEGFRKITFYIDRPDV(MSE)SKFTTTIVADKKRYPVLLSN
GNKIDGGEFSDGRHWVKWEDPFSKPSYLFALVAGDLAVTEDYFTT(MSE)SGRNVKIEFYTTEADKPKVGFAVESLKNA
(MSE)KWDETRFGLEYDLDIF(MSE)VVAVGDFN(MSE)GA(MSE)ENKGLNIFNTKFVLADSRTATDTDFEGIESVVGH
EYFHNWTGNRVTCRDWFQLSLKEGLTVFRDQEFSGDRASRAVRRIENIRLLRQHQFPEDAGPTAHPVRPASYEE(MSE)N
NFYT(MSE)TVYEKGAEVVR(MSE)YHTLLGEEGFQKG(MSE)KLYFQRHDGQAVTCDDFRAA(MSE)ADANGINLDQFA
LWYSQAGTPVLEAEGRLKNNIFELTVKQTVPPTPD(MSE)TDKQP(MSE)(MSE)IPVKVGLLNRNGEAVAFDYQGKRAT
EAVLLLTEAEQTFLLEGVTEAVVPSLLRGFSAPVHLNYPYSDDDLLLLLAHDSDAFTRWEAAQTLYRRAVAANLATLSDG
VELPKHEKLLAAVEKVISDDLLDNAFKALLLGVPSEAELWDGAENIDPLRYHQAREALLDTLAVHFLPKWHELNRQAAKQ
ENQSYEYSPEAAGWRTLRNVCRAFVLRADPAHIETVAEKYGE(MSE)AQN(MSE)THEWGILSAVNGNESDTRNRLLAQF
ADKFSDDALV(MSE)DKYFALVGSSRRSDTLQQVRTALQHPKFSLENPNKARSLIGSFSRNVPHFHAEDGSGYRFIADKV
IEIDRFNPQVAARLVQAFNLCNKLEPHRKNLVKQALQRIRAQEGLSKDVGEIVGKILDSNA
;
_entity_poly.pdbx_strand_id   A
#
# COMPACT_ATOMS: atom_id res chain seq x y z
N LYS A 1 17.53 17.90 16.99
CA LYS A 1 16.58 17.46 15.92
C LYS A 1 15.15 17.46 16.47
N THR A 2 14.18 17.95 15.72
CA THR A 2 12.82 18.01 16.28
C THR A 2 12.06 16.66 16.15
N VAL A 3 11.48 16.24 17.25
CA VAL A 3 10.59 15.07 17.29
C VAL A 3 9.24 15.58 17.71
N HIS A 4 8.21 15.00 17.12
CA HIS A 4 6.86 15.37 17.40
C HIS A 4 6.26 14.24 18.21
N TYR A 5 5.60 14.58 19.32
CA TYR A 5 5.08 13.61 20.25
C TYR A 5 3.54 13.75 20.42
N LEU A 6 2.86 12.64 20.36
CA LEU A 6 1.40 12.60 20.47
C LEU A 6 0.96 13.11 21.81
N LYS A 7 1.78 12.91 22.85
CA LYS A 7 1.39 13.39 24.18
C LYS A 7 1.44 14.92 24.32
N ASP A 8 2.06 15.59 23.39
CA ASP A 8 2.15 17.03 23.41
C ASP A 8 1.02 17.73 22.61
N TYR A 9 0.08 16.96 22.06
CA TYR A 9 -1.01 17.56 21.31
C TYR A 9 -1.75 18.62 22.10
N GLN A 10 -1.91 19.76 21.47
CA GLN A 10 -2.75 20.80 21.96
C GLN A 10 -3.56 21.40 20.84
N THR A 11 -4.82 21.74 21.11
CA THR A 11 -5.65 22.45 20.13
C THR A 11 -4.96 23.75 19.63
N PRO A 12 -5.23 24.14 18.37
CA PRO A 12 -4.58 25.31 17.85
C PRO A 12 -5.02 26.58 18.54
N ALA A 13 -4.07 27.50 18.64
CA ALA A 13 -4.41 28.84 19.14
C ALA A 13 -5.28 29.66 18.24
N TYR A 14 -5.23 29.35 16.92
CA TYR A 14 -5.96 30.09 15.93
C TYR A 14 -6.70 29.09 15.06
N HIS A 15 -7.89 29.47 14.70
CA HIS A 15 -8.61 28.83 13.58
C HIS A 15 -8.58 29.70 12.36
N ILE A 16 -8.69 29.04 11.19
CA ILE A 16 -8.88 29.73 9.94
C ILE A 16 -10.24 29.37 9.45
N LEU A 17 -11.11 30.37 9.40
CA LEU A 17 -12.49 30.15 8.97
C LEU A 17 -12.71 30.08 7.45
N LYS A 18 -12.02 30.97 6.73
CA LYS A 18 -12.09 31.14 5.30
C LYS A 18 -10.66 31.29 4.72
N THR A 19 -10.43 30.65 3.61
CA THR A 19 -9.16 30.65 2.95
C THR A 19 -9.45 31.00 1.50
N ASP A 20 -9.08 32.20 1.07
CA ASP A 20 -9.27 32.67 -0.28
C ASP A 20 -7.88 32.66 -0.90
N LEU A 21 -7.76 32.05 -2.04
CA LEU A 21 -6.46 31.90 -2.71
C LEU A 21 -6.49 32.42 -4.13
N HIS A 22 -5.40 32.98 -4.60
CA HIS A 22 -5.31 33.46 -5.98
C HIS A 22 -3.98 32.98 -6.53
N PHE A 23 -4.04 32.21 -7.63
CA PHE A 23 -2.83 31.73 -8.32
C PHE A 23 -2.68 32.42 -9.63
N ASP A 24 -1.56 33.12 -9.81
CA ASP A 24 -1.25 33.76 -11.08
C ASP A 24 -0.10 33.03 -11.72
N ILE A 25 -0.40 32.17 -12.69
CA ILE A 25 0.61 31.29 -13.23
C ILE A 25 1.28 31.99 -14.43
N ASN A 26 2.60 32.06 -14.38
CA ASN A 26 3.43 32.64 -15.48
C ASN A 26 4.59 31.68 -15.79
N GLU A 27 5.47 32.08 -16.69
CA GLU A 27 6.69 31.32 -17.03
C GLU A 27 7.83 32.19 -16.59
N PRO A 28 8.64 31.71 -15.65
CA PRO A 28 8.59 30.45 -14.96
C PRO A 28 7.81 30.45 -13.62
N GLN A 29 7.44 31.62 -13.11
CA GLN A 29 6.96 31.76 -11.71
C GLN A 29 5.44 31.74 -11.62
N THR A 30 4.95 31.20 -10.51
CA THR A 30 3.56 31.32 -10.08
C THR A 30 3.55 32.16 -8.77
N VAL A 31 2.73 33.17 -8.76
CA VAL A 31 2.55 33.99 -7.57
C VAL A 31 1.26 33.56 -6.93
N VAL A 32 1.33 33.30 -5.64
CA VAL A 32 0.18 32.96 -4.91
C VAL A 32 -0.14 34.04 -3.90
N LYS A 33 -1.39 34.42 -3.86
CA LYS A 33 -1.85 35.37 -2.85
C LYS A 33 -2.88 34.73 -2.05
N SER A 34 -2.91 34.99 -0.74
CA SER A 34 -3.96 34.49 0.06
C SER A 34 -4.66 35.59 0.84
N ARG A 35 -5.87 35.27 1.29
CA ARG A 35 -6.60 36.07 2.27
C ARG A 35 -7.17 35.05 3.22
N LEU A 36 -6.69 35.12 4.44
CA LEU A 36 -7.11 34.16 5.44
C LEU A 36 -7.96 34.90 6.48
N THR A 37 -9.14 34.35 6.81
CA THR A 37 -10.01 34.90 7.89
C THR A 37 -9.70 34.10 9.10
N VAL A 38 -9.05 34.76 10.08
CA VAL A 38 -8.53 34.12 11.25
C VAL A 38 -9.27 34.50 12.54
N GLU A 39 -9.66 33.48 13.27
CA GLU A 39 -10.43 33.55 14.53
C GLU A 39 -9.56 33.07 15.72
N PRO A 40 -9.21 33.99 16.62
CA PRO A 40 -8.46 33.57 17.80
C PRO A 40 -9.18 32.54 18.61
N GLN A 41 -8.49 31.51 19.08
CA GLN A 41 -9.00 30.59 20.05
C GLN A 41 -8.38 30.87 21.42
N ARG A 42 -7.06 31.09 21.46
CA ARG A 42 -6.37 31.50 22.71
C ARG A 42 -5.87 32.89 22.42
N VAL A 43 -6.70 33.86 22.75
CA VAL A 43 -6.45 35.24 22.39
C VAL A 43 -5.11 35.65 22.98
N GLY A 44 -4.39 36.44 22.21
CA GLY A 44 -3.11 36.96 22.67
C GLY A 44 -1.87 36.13 22.33
N GLU A 45 -2.00 34.87 21.89
CA GLU A 45 -0.85 34.08 21.49
C GLU A 45 -0.28 34.61 20.16
N PRO A 46 0.99 34.37 19.94
CA PRO A 46 1.53 34.74 18.60
C PRO A 46 0.87 33.88 17.55
N LEU A 47 0.68 34.49 16.40
CA LEU A 47 0.22 33.73 15.22
C LEU A 47 1.45 33.12 14.56
N VAL A 48 1.45 31.81 14.44
CA VAL A 48 2.59 31.08 13.89
C VAL A 48 2.06 30.33 12.64
N LEU A 49 2.67 30.65 11.51
CA LEU A 49 2.33 30.05 10.21
C LEU A 49 3.50 29.25 9.73
N ASP A 50 3.19 28.08 9.18
CA ASP A 50 4.19 27.22 8.56
C ASP A 50 4.38 27.66 7.13
N GLY A 51 5.61 27.60 6.61
CA GLY A 51 5.76 27.88 5.20
C GLY A 51 7.17 27.78 4.72
N SER A 52 7.35 27.33 3.49
CA SER A 52 8.70 27.23 2.93
C SER A 52 8.82 27.89 1.55
N ALA A 53 7.76 28.47 1.02
CA ALA A 53 7.86 29.11 -0.28
C ALA A 53 8.49 30.49 -0.12
N LYS A 54 9.00 31.04 -1.22
CA LYS A 54 9.61 32.38 -1.15
C LYS A 54 8.55 33.38 -0.77
N LEU A 55 8.81 34.17 0.24
CA LEU A 55 7.82 35.10 0.79
C LEU A 55 8.03 36.48 0.15
N LEU A 56 6.99 37.07 -0.38
CA LEU A 56 7.07 38.35 -1.02
C LEU A 56 6.47 39.44 -0.11
N SER A 57 5.40 39.11 0.59
CA SER A 57 4.74 40.03 1.50
C SER A 57 3.82 39.38 2.48
N VAL A 58 3.63 40.07 3.62
CA VAL A 58 2.63 39.61 4.61
C VAL A 58 1.96 40.77 5.23
N LYS A 59 0.63 40.71 5.27
CA LYS A 59 -0.20 41.77 5.77
C LYS A 59 -1.15 41.25 6.78
N ILE A 60 -1.48 42.11 7.77
CA ILE A 60 -2.50 41.83 8.71
C ILE A 60 -3.48 43.00 8.58
N ASN A 61 -4.74 42.70 8.36
CA ASN A 61 -5.72 43.73 7.87
C ASN A 61 -5.23 44.78 6.84
N GLY A 62 -4.56 44.36 5.80
CA GLY A 62 -4.15 45.33 4.79
C GLY A 62 -2.87 46.07 5.02
N ALA A 63 -2.31 45.97 6.23
CA ALA A 63 -1.06 46.67 6.53
C ALA A 63 0.07 45.69 6.69
N ALA A 64 1.27 46.07 6.20
CA ALA A 64 2.48 45.30 6.33
C ALA A 64 2.61 44.84 7.72
N ALA A 65 2.80 43.55 7.86
CA ALA A 65 2.83 42.98 9.20
C ALA A 65 4.17 43.10 9.75
N ASP A 66 4.21 43.16 11.10
CA ASP A 66 5.49 43.08 11.80
C ASP A 66 5.77 41.63 12.18
N TYR A 67 6.66 41.02 11.45
CA TYR A 67 6.81 39.56 11.53
C TYR A 67 8.25 39.17 11.58
N VAL A 68 8.51 37.91 11.93
CA VAL A 68 9.82 37.33 11.75
C VAL A 68 9.64 35.96 11.03
N LEU A 69 10.54 35.71 10.10
CA LEU A 69 10.61 34.44 9.40
C LEU A 69 11.93 33.79 9.76
N GLU A 70 11.83 32.62 10.36
CA GLU A 70 12.95 31.82 10.74
C GLU A 70 12.61 30.35 10.46
N GLY A 71 13.53 29.74 9.76
CA GLY A 71 13.32 28.42 9.19
C GLY A 71 12.09 28.46 8.33
N GLU A 72 11.20 27.53 8.62
CA GLU A 72 9.96 27.41 7.87
C GLU A 72 8.79 27.91 8.69
N THR A 73 9.04 28.90 9.53
CA THR A 73 7.98 29.42 10.39
C THR A 73 7.95 30.92 10.31
N LEU A 74 6.74 31.45 10.13
CA LEU A 74 6.49 32.87 10.14
CA LEU A 74 6.51 32.88 10.17
C LEU A 74 5.67 33.21 11.41
N THR A 75 6.15 34.17 12.20
CA THR A 75 5.47 34.47 13.45
C THR A 75 5.14 35.95 13.49
N ILE A 76 3.91 36.23 13.86
CA ILE A 76 3.40 37.61 14.06
C ILE A 76 2.91 37.71 15.49
N ALA A 77 3.58 38.51 16.30
CA ALA A 77 3.16 38.63 17.72
C ALA A 77 2.02 39.64 17.85
N GLY A 78 2.03 40.61 16.96
CA GLY A 78 1.10 41.70 17.04
C GLY A 78 -0.10 41.29 16.21
N VAL A 79 -1.04 40.60 16.87
CA VAL A 79 -2.33 40.33 16.20
C VAL A 79 -3.53 40.78 17.00
N PRO A 80 -4.57 41.20 16.25
CA PRO A 80 -5.73 41.67 16.96
C PRO A 80 -6.33 40.62 17.85
N SER A 81 -7.14 41.09 18.79
CA SER A 81 -7.93 40.21 19.64
CA SER A 81 -7.88 40.18 19.64
C SER A 81 -9.22 39.66 19.06
N GLU A 82 -9.69 40.15 17.92
CA GLU A 82 -10.94 39.68 17.32
C GLU A 82 -10.55 39.19 15.93
N ARG A 83 -11.53 38.79 15.16
CA ARG A 83 -11.29 38.29 13.79
C ARG A 83 -10.49 39.24 12.96
N PHE A 84 -9.56 38.69 12.20
CA PHE A 84 -8.71 39.55 11.44
C PHE A 84 -8.34 38.77 10.22
N THR A 85 -7.78 39.47 9.26
CA THR A 85 -7.32 38.89 8.06
C THR A 85 -5.81 38.92 8.00
N VAL A 86 -5.26 37.89 7.37
CA VAL A 86 -3.88 37.79 7.05
C VAL A 86 -3.82 37.62 5.53
N GLU A 87 -2.98 38.36 4.86
CA GLU A 87 -2.72 38.17 3.45
C GLU A 87 -1.27 37.88 3.22
N VAL A 88 -1.00 36.78 2.55
CA VAL A 88 0.38 36.39 2.23
C VAL A 88 0.59 36.31 0.74
N GLU A 89 1.75 36.71 0.28
CA GLU A 89 2.10 36.57 -1.09
C GLU A 89 3.37 35.79 -1.18
N THR A 90 3.36 34.68 -1.95
CA THR A 90 4.55 33.83 -2.13
C THR A 90 4.78 33.63 -3.61
N GLU A 91 5.94 33.13 -3.91
CA GLU A 91 6.34 32.91 -5.31
C GLU A 91 6.94 31.54 -5.39
N ILE A 92 6.51 30.78 -6.38
CA ILE A 92 6.95 29.38 -6.56
C ILE A 92 7.47 29.18 -7.98
N LEU A 93 8.56 28.41 -8.13
CA LEU A 93 9.04 27.96 -9.44
C LEU A 93 8.70 26.46 -9.59
N PRO A 94 7.53 26.13 -10.12
CA PRO A 94 7.07 24.71 -10.05
C PRO A 94 7.95 23.80 -10.86
N ALA A 95 8.59 24.28 -11.94
CA ALA A 95 9.41 23.33 -12.72
C ALA A 95 10.72 22.99 -12.01
N GLU A 96 11.07 23.72 -10.94
CA GLU A 96 12.24 23.40 -10.10
CA GLU A 96 12.24 23.38 -10.12
C GLU A 96 11.89 22.39 -8.99
N ASN A 97 10.60 22.05 -8.87
CA ASN A 97 10.17 21.22 -7.74
C ASN A 97 10.19 19.79 -8.14
N LYS A 98 11.33 19.13 -7.90
CA LYS A 98 11.42 17.69 -8.08
C LYS A 98 11.06 16.81 -6.91
N SER A 99 10.63 17.39 -5.79
CA SER A 99 10.16 16.62 -4.68
C SER A 99 8.73 16.05 -4.89
N LEU A 100 8.00 16.67 -5.79
CA LEU A 100 6.62 16.29 -6.12
C LEU A 100 5.69 16.47 -4.89
N GLY A 102 3.90 19.84 -2.76
CA GLY A 102 3.57 21.23 -3.04
C GLY A 102 3.02 21.43 -4.46
N LEU A 103 3.39 22.52 -5.12
CA LEU A 103 2.98 22.82 -6.49
C LEU A 103 4.14 22.43 -7.42
N TYR A 104 3.93 21.56 -8.39
CA TYR A 104 5.04 21.15 -9.22
C TYR A 104 4.64 20.89 -10.66
N ALA A 105 5.62 20.89 -11.55
CA ALA A 105 5.34 20.56 -12.94
C ALA A 105 5.57 19.10 -13.25
N SER A 106 4.76 18.63 -14.19
CA SER A 106 4.84 17.28 -14.70
C SER A 106 4.25 17.25 -16.08
N GLY A 107 4.97 16.74 -17.08
CA GLY A 107 4.43 16.69 -18.44
C GLY A 107 4.01 17.98 -19.07
N GLY A 108 4.59 19.10 -18.63
CA GLY A 108 4.25 20.38 -19.07
C GLY A 108 3.00 20.99 -18.40
N ASN A 109 2.39 20.25 -17.50
CA ASN A 109 1.27 20.69 -16.72
C ASN A 109 1.65 20.96 -15.24
N LEU A 110 0.75 21.54 -14.48
CA LEU A 110 0.98 21.82 -13.06
C LEU A 110 0.01 21.04 -12.20
N PHE A 111 0.55 20.42 -11.15
CA PHE A 111 -0.22 19.65 -10.18
C PHE A 111 0.19 20.00 -8.75
N THR A 112 -0.64 19.58 -7.79
CA THR A 112 -0.26 19.71 -6.42
C THR A 112 -0.30 18.39 -5.72
N GLN A 113 0.47 18.27 -4.65
CA GLN A 113 0.34 17.21 -3.67
C GLN A 113 0.51 17.85 -2.29
N CYS A 114 -0.53 17.80 -1.47
CA CYS A 114 -0.43 18.47 -0.17
C CYS A 114 -0.34 17.53 1.01
N GLU A 115 -0.77 16.28 0.92
CA GLU A 115 -0.72 15.42 2.12
C GLU A 115 0.66 14.89 2.34
N PRO A 116 1.21 14.96 3.59
CA PRO A 116 0.57 15.54 4.81
C PRO A 116 0.83 17.03 4.94
N GLU A 117 2.05 17.50 4.61
CA GLU A 117 2.48 18.88 4.91
C GLU A 117 3.02 19.65 3.70
N GLY A 118 2.45 19.37 2.55
CA GLY A 118 2.80 20.07 1.30
C GLY A 118 2.18 21.41 1.08
N PHE A 119 1.02 21.71 1.73
CA PHE A 119 0.39 22.93 1.45
C PHE A 119 1.34 24.11 1.86
N ARG A 120 2.07 23.90 2.95
CA ARG A 120 3.00 24.93 3.46
C ARG A 120 4.12 25.22 2.43
N LYS A 121 4.29 24.37 1.44
CA LYS A 121 5.21 24.69 0.33
C LYS A 121 4.62 25.61 -0.73
N ILE A 122 3.35 25.96 -0.59
CA ILE A 122 2.62 26.80 -1.54
C ILE A 122 2.39 28.18 -0.91
N THR A 123 1.92 28.19 0.35
CA THR A 123 1.72 29.43 1.07
C THR A 123 2.01 29.21 2.56
N PHE A 124 1.98 30.29 3.34
CA PHE A 124 2.15 30.23 4.80
C PHE A 124 0.81 30.03 5.42
N TYR A 125 0.66 29.01 6.26
CA TYR A 125 -0.64 28.61 6.70
C TYR A 125 -0.51 27.86 7.97
N ILE A 126 -1.66 27.59 8.63
CA ILE A 126 -1.65 26.73 9.84
C ILE A 126 -1.91 25.32 9.33
N ASP A 127 -0.82 24.69 8.86
CA ASP A 127 -0.88 23.50 8.00
C ASP A 127 -0.97 22.21 8.85
N ARG A 128 -2.09 22.00 9.53
CA ARG A 128 -2.31 20.85 10.42
C ARG A 128 -3.78 20.47 10.25
N PRO A 129 -4.16 19.19 10.39
CA PRO A 129 -5.45 18.77 9.89
C PRO A 129 -6.66 19.10 10.78
N ASP A 130 -6.35 19.48 12.03
CA ASP A 130 -7.41 19.99 12.93
C ASP A 130 -7.86 21.43 12.66
N VAL A 131 -7.21 22.14 11.73
CA VAL A 131 -7.60 23.49 11.27
C VAL A 131 -8.36 23.28 9.97
N SER A 133 -11.05 24.86 7.13
CA SER A 133 -11.48 26.11 6.55
C SER A 133 -12.24 25.97 5.26
N LYS A 134 -13.02 26.99 4.95
CA LYS A 134 -13.69 27.01 3.67
CA LYS A 134 -13.75 27.10 3.68
C LYS A 134 -12.89 27.76 2.61
N PHE A 135 -12.51 27.00 1.58
CA PHE A 135 -11.64 27.47 0.53
C PHE A 135 -12.34 27.98 -0.73
N THR A 136 -11.90 29.12 -1.23
CA THR A 136 -12.25 29.57 -2.58
C THR A 136 -10.91 29.91 -3.28
N THR A 137 -10.78 29.38 -4.51
CA THR A 137 -9.57 29.43 -5.28
C THR A 137 -9.81 30.05 -6.64
N THR A 138 -9.09 31.14 -6.93
CA THR A 138 -9.02 31.78 -8.22
C THR A 138 -7.72 31.39 -8.91
N ILE A 139 -7.81 31.01 -10.16
CA ILE A 139 -6.61 30.66 -10.97
C ILE A 139 -6.60 31.49 -12.25
N VAL A 140 -5.45 32.05 -12.61
CA VAL A 140 -5.25 32.87 -13.82
C VAL A 140 -4.04 32.35 -14.57
N ALA A 141 -4.20 32.02 -15.86
CA ALA A 141 -3.15 31.42 -16.64
C ALA A 141 -3.36 31.72 -18.12
N ASP A 142 -2.31 31.51 -18.87
CA ASP A 142 -2.34 31.53 -20.33
C ASP A 142 -3.29 30.46 -20.82
N LYS A 143 -4.25 30.85 -21.63
CA LYS A 143 -5.33 29.91 -22.04
C LYS A 143 -4.81 28.82 -22.98
N LYS A 144 -3.90 29.15 -23.88
CA LYS A 144 -3.37 28.12 -24.77
C LYS A 144 -2.50 27.07 -24.04
N ARG A 145 -1.68 27.49 -23.09
CA ARG A 145 -0.78 26.61 -22.40
C ARG A 145 -1.53 25.84 -21.31
N TYR A 146 -2.48 26.52 -20.68
CA TYR A 146 -3.24 25.92 -19.56
C TYR A 146 -4.72 26.13 -19.72
N PRO A 147 -5.34 25.39 -20.66
CA PRO A 147 -6.75 25.60 -20.93
C PRO A 147 -7.61 25.00 -19.81
N VAL A 148 -7.08 24.03 -19.07
CA VAL A 148 -7.82 23.35 -18.01
C VAL A 148 -7.31 23.84 -16.67
N LEU A 149 -8.22 24.47 -15.90
CA LEU A 149 -7.83 25.05 -14.61
C LEU A 149 -8.78 24.58 -13.52
N LEU A 150 -8.31 23.71 -12.64
CA LEU A 150 -9.12 23.00 -11.68
C LEU A 150 -8.69 23.24 -10.23
N SER A 151 -9.66 23.27 -9.32
CA SER A 151 -9.40 23.20 -7.90
C SER A 151 -10.61 22.53 -7.24
N ASN A 152 -10.58 22.35 -5.91
CA ASN A 152 -11.65 21.61 -5.26
C ASN A 152 -12.98 22.34 -5.39
N GLY A 153 -14.07 21.55 -5.45
CA GLY A 153 -15.43 22.08 -5.23
C GLY A 153 -16.20 22.35 -6.51
N ASN A 154 -16.91 23.46 -6.47
CA ASN A 154 -17.78 23.90 -7.52
C ASN A 154 -17.18 25.07 -8.28
N LYS A 155 -17.26 25.03 -9.60
CA LYS A 155 -16.80 26.15 -10.36
C LYS A 155 -17.86 27.20 -10.36
N ILE A 156 -17.54 28.37 -9.78
CA ILE A 156 -18.56 29.42 -9.59
C ILE A 156 -18.43 30.62 -10.52
N ASP A 157 -17.28 30.78 -11.15
CA ASP A 157 -17.09 31.93 -12.02
C ASP A 157 -15.87 31.66 -12.90
N GLY A 158 -15.75 32.48 -13.93
CA GLY A 158 -14.54 32.48 -14.76
C GLY A 158 -14.72 33.40 -15.94
N GLY A 159 -13.66 33.57 -16.71
CA GLY A 159 -13.72 34.50 -17.81
C GLY A 159 -12.42 34.59 -18.54
N GLU A 160 -12.38 35.58 -19.43
CA GLU A 160 -11.22 35.82 -20.28
C GLU A 160 -10.66 37.16 -20.00
N PHE A 161 -9.35 37.26 -20.19
CA PHE A 161 -8.56 38.48 -20.10
C PHE A 161 -7.98 38.74 -21.49
N SER A 162 -7.69 39.99 -21.89
CA SER A 162 -7.47 40.26 -23.36
C SER A 162 -6.03 40.09 -23.91
N ASP A 163 -5.16 39.47 -23.10
CA ASP A 163 -3.74 39.25 -23.38
C ASP A 163 -3.46 37.76 -23.55
N GLY A 164 -4.50 36.96 -23.77
CA GLY A 164 -4.35 35.54 -23.99
C GLY A 164 -4.58 34.75 -22.71
N ARG A 165 -4.88 35.44 -21.62
CA ARG A 165 -5.10 34.76 -20.35
C ARG A 165 -6.57 34.46 -20.07
N HIS A 166 -6.82 33.54 -19.16
CA HIS A 166 -8.18 33.32 -18.67
C HIS A 166 -8.11 32.98 -17.21
N TRP A 167 -9.25 32.91 -16.57
CA TRP A 167 -9.33 32.62 -15.15
C TRP A 167 -10.57 31.80 -14.81
N VAL A 168 -10.49 31.16 -13.67
CA VAL A 168 -11.60 30.43 -13.08
C VAL A 168 -11.62 30.67 -11.58
N LYS A 169 -12.81 30.52 -10.94
CA LYS A 169 -12.92 30.53 -9.49
C LYS A 169 -13.71 29.31 -9.02
N TRP A 170 -13.15 28.57 -8.04
CA TRP A 170 -13.68 27.35 -7.51
C TRP A 170 -14.02 27.61 -6.03
N GLU A 171 -15.18 27.19 -5.60
CA GLU A 171 -15.58 27.29 -4.22
C GLU A 171 -15.84 25.94 -3.68
N ASP A 172 -15.16 25.54 -2.60
CA ASP A 172 -15.43 24.24 -1.99
C ASP A 172 -16.16 24.48 -0.69
N PRO A 173 -17.46 24.18 -0.65
CA PRO A 173 -18.25 24.69 0.47
C PRO A 173 -18.05 23.92 1.76
N PHE A 174 -17.50 22.71 1.69
CA PHE A 174 -17.22 21.89 2.89
CA PHE A 174 -17.27 22.00 2.96
C PHE A 174 -15.91 22.36 3.56
N SER A 175 -15.91 22.79 4.82
CA SER A 175 -14.62 23.25 5.42
CA SER A 175 -14.63 23.21 5.47
C SER A 175 -13.69 22.03 5.56
N LYS A 176 -12.43 22.22 5.23
CA LYS A 176 -11.51 21.15 5.14
C LYS A 176 -10.11 21.58 5.62
N PRO A 177 -9.34 20.58 6.04
CA PRO A 177 -7.90 20.79 6.31
C PRO A 177 -7.10 21.05 4.99
N SER A 178 -5.97 21.71 5.17
CA SER A 178 -5.15 22.11 4.04
C SER A 178 -4.61 20.90 3.26
N TYR A 179 -4.46 19.74 3.86
CA TYR A 179 -3.89 18.57 3.13
C TYR A 179 -4.74 18.08 1.98
N LEU A 180 -6.04 18.44 1.99
CA LEU A 180 -6.99 18.10 0.94
C LEU A 180 -7.19 19.14 -0.15
N PHE A 181 -6.42 20.20 -0.11
CA PHE A 181 -6.36 21.18 -1.18
C PHE A 181 -5.75 20.56 -2.42
N ALA A 182 -6.29 20.86 -3.59
CA ALA A 182 -5.61 20.57 -4.86
C ALA A 182 -5.82 21.62 -5.88
N LEU A 183 -4.87 21.67 -6.83
CA LEU A 183 -4.97 22.52 -7.96
C LEU A 183 -4.33 21.79 -9.10
N VAL A 184 -4.94 21.88 -10.26
CA VAL A 184 -4.35 21.40 -11.51
C VAL A 184 -4.49 22.48 -12.59
N ALA A 185 -3.44 22.67 -13.39
CA ALA A 185 -3.47 23.52 -14.51
C ALA A 185 -2.78 22.85 -15.68
N GLY A 186 -3.45 22.72 -16.78
CA GLY A 186 -2.78 21.99 -17.87
C GLY A 186 -3.52 21.95 -19.15
N ASP A 187 -2.89 21.37 -20.17
CA ASP A 187 -3.58 21.04 -21.42
C ASP A 187 -3.86 19.56 -21.29
N LEU A 188 -5.06 19.20 -20.86
CA LEU A 188 -5.44 17.84 -20.57
C LEU A 188 -6.75 17.50 -21.29
N ALA A 189 -6.93 16.26 -21.70
CA ALA A 189 -8.15 15.77 -22.29
C ALA A 189 -9.13 15.35 -21.19
N VAL A 190 -10.38 15.40 -21.48
CA VAL A 190 -11.41 15.01 -20.46
C VAL A 190 -12.23 13.87 -20.98
N THR A 191 -12.62 12.96 -20.08
CA THR A 191 -13.57 11.90 -20.35
C THR A 191 -14.70 12.15 -19.37
N GLU A 192 -15.91 12.30 -19.91
CA GLU A 192 -17.07 12.66 -19.07
C GLU A 192 -18.01 11.49 -18.93
N ASP A 193 -18.63 11.39 -17.76
CA ASP A 193 -19.60 10.36 -17.46
C ASP A 193 -20.48 10.92 -16.36
N TYR A 194 -21.30 10.08 -15.79
CA TYR A 194 -22.11 10.53 -14.61
C TYR A 194 -22.63 9.36 -13.80
N PHE A 195 -23.05 9.64 -12.58
CA PHE A 195 -23.65 8.70 -11.65
C PHE A 195 -24.84 9.45 -11.06
N THR A 196 -25.94 8.74 -10.76
CA THR A 196 -27.04 9.34 -10.09
C THR A 196 -27.18 8.70 -8.69
N THR A 197 -27.12 9.56 -7.68
CA THR A 197 -27.12 9.09 -6.32
C THR A 197 -28.54 8.52 -5.99
N SER A 199 -30.55 9.37 -3.89
CA SER A 199 -31.55 10.44 -3.69
CA SER A 199 -31.55 10.44 -3.68
C SER A 199 -31.97 11.15 -4.98
N GLY A 200 -31.41 10.74 -6.10
CA GLY A 200 -31.82 11.23 -7.41
C GLY A 200 -30.96 12.37 -7.95
N ARG A 201 -29.77 12.64 -7.38
CA ARG A 201 -29.00 13.74 -7.89
C ARG A 201 -27.89 13.25 -8.78
N ASN A 202 -27.80 13.82 -9.96
CA ASN A 202 -26.72 13.49 -10.86
C ASN A 202 -25.40 14.07 -10.32
N VAL A 203 -24.37 13.31 -10.55
CA VAL A 203 -22.96 13.69 -10.28
C VAL A 203 -22.17 13.59 -11.58
N LYS A 204 -21.69 14.72 -12.05
CA LYS A 204 -20.87 14.76 -13.25
C LYS A 204 -19.50 14.22 -12.88
N ILE A 205 -19.01 13.24 -13.66
CA ILE A 205 -17.76 12.62 -13.47
C ILE A 205 -16.86 13.07 -14.61
N GLU A 206 -15.65 13.51 -14.30
CA GLU A 206 -14.71 13.97 -15.29
C GLU A 206 -13.32 13.38 -14.97
N PHE A 207 -12.74 12.57 -15.87
CA PHE A 207 -11.39 12.09 -15.79
C PHE A 207 -10.49 12.85 -16.75
N TYR A 208 -9.40 13.44 -16.27
CA TYR A 208 -8.49 14.22 -17.06
C TYR A 208 -7.18 13.45 -17.20
N THR A 209 -6.79 13.29 -18.47
CA THR A 209 -5.59 12.55 -18.85
C THR A 209 -4.89 13.31 -19.98
N THR A 210 -3.68 12.88 -20.39
CA THR A 210 -3.15 13.38 -21.62
C THR A 210 -4.10 12.91 -22.76
N GLU A 211 -4.01 13.60 -23.86
CA GLU A 211 -4.77 13.24 -25.03
C GLU A 211 -4.47 11.83 -25.45
N ALA A 212 -3.21 11.44 -25.42
CA ALA A 212 -2.83 10.10 -25.84
C ALA A 212 -3.32 8.98 -24.92
N ASP A 213 -3.51 9.32 -23.64
CA ASP A 213 -3.82 8.37 -22.57
C ASP A 213 -5.36 8.16 -22.45
N LYS A 214 -6.18 9.02 -23.00
CA LYS A 214 -7.61 9.02 -22.86
C LYS A 214 -8.23 7.66 -23.23
N PRO A 215 -7.71 6.97 -24.28
CA PRO A 215 -8.29 5.69 -24.60
C PRO A 215 -8.12 4.60 -23.55
N LYS A 216 -7.31 4.83 -22.53
CA LYS A 216 -7.04 3.89 -21.46
C LYS A 216 -7.78 4.16 -20.15
N VAL A 217 -8.64 5.16 -20.10
CA VAL A 217 -9.29 5.55 -18.84
C VAL A 217 -10.65 4.89 -18.57
N GLY A 218 -11.21 4.20 -19.51
CA GLY A 218 -12.59 3.72 -19.38
C GLY A 218 -12.84 2.73 -18.23
N PHE A 219 -11.89 1.85 -17.93
CA PHE A 219 -12.06 0.96 -16.83
C PHE A 219 -12.10 1.67 -15.47
N ALA A 220 -11.29 2.71 -15.33
CA ALA A 220 -11.26 3.52 -14.10
C ALA A 220 -12.63 4.21 -13.91
N VAL A 221 -13.18 4.75 -14.99
CA VAL A 221 -14.52 5.41 -14.90
C VAL A 221 -15.57 4.41 -14.45
N GLU A 222 -15.60 3.22 -15.06
CA GLU A 222 -16.53 2.15 -14.66
C GLU A 222 -16.35 1.74 -13.22
N SER A 223 -15.10 1.65 -12.80
CA SER A 223 -14.77 1.28 -11.41
C SER A 223 -15.31 2.33 -10.44
N LEU A 224 -15.20 3.60 -10.78
CA LEU A 224 -15.70 4.67 -9.93
C LEU A 224 -17.18 4.55 -9.78
N LYS A 225 -17.89 4.36 -10.89
CA LYS A 225 -19.34 4.19 -10.79
C LYS A 225 -19.72 2.98 -9.91
N ASN A 226 -18.99 1.89 -10.04
CA ASN A 226 -19.19 0.72 -9.19
C ASN A 226 -18.92 1.07 -7.73
N ALA A 227 -17.85 1.82 -7.45
CA ALA A 227 -17.54 2.18 -6.06
C ALA A 227 -18.64 3.11 -5.42
N LYS A 229 -21.79 3.25 -6.25
CA LYS A 229 -22.98 2.44 -5.98
C LYS A 229 -22.76 1.57 -4.75
N TRP A 230 -21.55 1.00 -4.62
CA TRP A 230 -21.31 0.11 -3.48
C TRP A 230 -21.33 0.86 -2.15
N ASP A 231 -20.79 2.08 -2.09
CA ASP A 231 -20.78 2.78 -0.81
C ASP A 231 -22.25 3.09 -0.40
N GLU A 232 -23.14 3.30 -1.38
CA GLU A 232 -24.58 3.46 -1.08
C GLU A 232 -25.15 2.13 -0.57
N THR A 233 -24.94 1.05 -1.27
CA THR A 233 -25.59 -0.19 -0.88
C THR A 233 -25.04 -0.82 0.40
N ARG A 234 -23.71 -0.79 0.59
CA ARG A 234 -23.08 -1.46 1.70
C ARG A 234 -23.02 -0.57 2.95
N PHE A 235 -22.74 0.73 2.77
CA PHE A 235 -22.57 1.61 3.93
C PHE A 235 -23.64 2.68 4.04
N GLY A 236 -24.52 2.79 3.02
CA GLY A 236 -25.50 3.84 3.08
C GLY A 236 -24.97 5.25 2.84
N LEU A 237 -23.79 5.36 2.19
CA LEU A 237 -23.13 6.60 2.04
C LEU A 237 -23.25 7.18 0.62
N GLU A 238 -23.67 8.43 0.54
CA GLU A 238 -23.84 9.10 -0.76
C GLU A 238 -22.85 10.21 -0.94
N TYR A 239 -22.50 10.45 -2.20
CA TYR A 239 -21.66 11.59 -2.54
C TYR A 239 -22.38 12.92 -2.27
N ASP A 240 -21.62 14.00 -2.13
CA ASP A 240 -22.08 15.25 -1.60
C ASP A 240 -21.84 16.48 -2.43
N LEU A 241 -21.43 16.30 -3.68
CA LEU A 241 -21.23 17.40 -4.62
C LEU A 241 -21.77 16.91 -5.96
N ASP A 242 -22.05 17.82 -6.86
CA ASP A 242 -22.58 17.41 -8.18
C ASP A 242 -21.44 17.21 -9.21
N ILE A 243 -20.22 17.16 -8.73
CA ILE A 243 -19.00 17.12 -9.63
C ILE A 243 -17.96 16.25 -8.91
N PHE A 244 -17.32 15.31 -9.61
CA PHE A 244 -16.26 14.51 -9.05
C PHE A 244 -15.20 14.41 -10.19
N VAL A 246 -11.26 13.41 -11.41
CA VAL A 246 -10.04 12.61 -11.24
C VAL A 246 -9.02 13.08 -12.30
N VAL A 247 -7.79 13.28 -11.89
CA VAL A 247 -6.73 13.71 -12.80
C VAL A 247 -5.56 12.75 -12.69
N ALA A 248 -5.13 12.21 -13.81
CA ALA A 248 -3.97 11.35 -13.93
C ALA A 248 -2.67 12.13 -14.05
N VAL A 249 -1.63 11.73 -13.33
CA VAL A 249 -0.35 12.36 -13.40
C VAL A 249 0.75 11.32 -13.37
N GLY A 250 1.75 11.47 -14.24
CA GLY A 250 2.77 10.47 -14.36
C GLY A 250 3.94 10.59 -13.43
N ASP A 251 4.12 11.75 -12.78
CA ASP A 251 5.13 11.95 -11.79
C ASP A 251 4.43 12.13 -10.45
N PHE A 252 4.47 11.12 -9.60
CA PHE A 252 3.65 11.09 -8.36
C PHE A 252 4.32 10.15 -7.37
N ASN A 253 4.46 10.59 -6.14
CA ASN A 253 5.15 9.75 -5.13
C ASN A 253 4.41 8.59 -4.56
N GLY A 255 0.26 6.28 -4.80
CA GLY A 255 -0.59 5.80 -5.84
C GLY A 255 -1.68 6.72 -6.31
N ALA A 256 -2.22 7.50 -5.37
CA ALA A 256 -3.37 8.38 -5.58
C ALA A 256 -3.60 9.22 -4.34
N GLU A 258 -6.86 11.65 -2.31
CA GLU A 258 -8.32 11.86 -2.15
C GLU A 258 -8.74 13.29 -2.03
N ASN A 259 -8.04 14.23 -2.67
CA ASN A 259 -8.36 15.61 -2.48
C ASN A 259 -9.84 15.88 -2.82
N LYS A 260 -10.57 16.61 -1.97
CA LYS A 260 -12.01 16.68 -2.07
C LYS A 260 -12.50 17.08 -3.43
N GLY A 261 -13.27 16.21 -4.04
CA GLY A 261 -13.81 16.47 -5.38
C GLY A 261 -12.82 16.52 -6.55
N LEU A 262 -11.54 16.32 -6.28
CA LEU A 262 -10.50 16.52 -7.29
C LEU A 262 -9.39 15.58 -6.95
N ASN A 263 -9.63 14.29 -7.15
CA ASN A 263 -8.65 13.33 -6.78
C ASN A 263 -7.53 13.34 -7.80
N ILE A 264 -6.33 13.09 -7.36
CA ILE A 264 -5.14 13.08 -8.26
C ILE A 264 -4.56 11.71 -8.15
N PHE A 265 -4.39 11.04 -9.32
CA PHE A 265 -3.98 9.66 -9.40
C PHE A 265 -2.65 9.50 -10.15
N ASN A 266 -1.79 8.64 -9.63
CA ASN A 266 -0.67 8.11 -10.41
C ASN A 266 -1.33 7.40 -11.63
N THR A 267 -0.79 7.59 -12.82
CA THR A 267 -1.28 6.95 -14.03
C THR A 267 -1.36 5.46 -13.86
N LYS A 268 -0.47 4.86 -13.06
CA LYS A 268 -0.51 3.44 -12.91
CA LYS A 268 -0.48 3.42 -12.81
C LYS A 268 -1.82 2.91 -12.32
N PHE A 269 -2.53 3.73 -11.55
CA PHE A 269 -3.78 3.36 -10.95
C PHE A 269 -4.98 3.96 -11.62
N VAL A 270 -4.83 4.43 -12.85
CA VAL A 270 -5.99 4.88 -13.59
C VAL A 270 -6.01 4.35 -15.05
N LEU A 271 -4.89 4.02 -15.67
CA LEU A 271 -4.86 3.73 -17.11
C LEU A 271 -4.66 2.26 -17.33
N ALA A 272 -5.48 1.67 -18.18
CA ALA A 272 -5.34 0.24 -18.59
C ALA A 272 -6.03 0.01 -19.88
N ASP A 273 -5.45 -0.88 -20.67
CA ASP A 273 -6.18 -1.59 -21.65
C ASP A 273 -5.55 -2.99 -21.70
N SER A 274 -6.19 -3.95 -22.32
CA SER A 274 -5.64 -5.30 -22.22
C SER A 274 -4.30 -5.49 -22.99
N ARG A 275 -4.04 -4.70 -24.00
CA ARG A 275 -2.80 -4.73 -24.71
C ARG A 275 -1.64 -4.30 -23.83
N THR A 276 -1.87 -3.35 -22.94
CA THR A 276 -0.76 -2.76 -22.13
C THR A 276 -0.76 -2.93 -20.64
N ALA A 277 -1.85 -3.46 -20.07
CA ALA A 277 -2.00 -3.64 -18.63
C ALA A 277 -2.38 -5.09 -18.27
N THR A 278 -1.84 -5.61 -17.21
CA THR A 278 -2.15 -6.93 -16.76
C THR A 278 -3.44 -6.98 -16.00
N ASP A 279 -3.94 -8.19 -15.82
CA ASP A 279 -5.15 -8.35 -14.98
C ASP A 279 -4.93 -7.72 -13.59
N THR A 280 -3.77 -7.93 -13.01
CA THR A 280 -3.46 -7.44 -11.70
C THR A 280 -3.49 -5.93 -11.74
N ASP A 281 -3.00 -5.37 -12.83
CA ASP A 281 -3.13 -3.91 -12.97
C ASP A 281 -4.60 -3.41 -12.99
N PHE A 282 -5.49 -4.08 -13.71
CA PHE A 282 -6.90 -3.73 -13.65
C PHE A 282 -7.44 -3.85 -12.20
N GLU A 283 -7.11 -4.94 -11.50
CA GLU A 283 -7.56 -5.14 -10.12
C GLU A 283 -7.10 -3.98 -9.26
N GLY A 284 -5.89 -3.51 -9.54
CA GLY A 284 -5.35 -2.40 -8.81
C GLY A 284 -6.10 -1.10 -9.05
N ILE A 285 -6.47 -0.83 -10.30
CA ILE A 285 -7.25 0.37 -10.63
C ILE A 285 -8.54 0.34 -9.81
N GLU A 286 -9.17 -0.81 -9.87
CA GLU A 286 -10.47 -0.98 -9.20
C GLU A 286 -10.29 -0.70 -7.72
N SER A 287 -9.25 -1.28 -7.09
CA SER A 287 -8.98 -1.04 -5.66
C SER A 287 -8.72 0.41 -5.32
N VAL A 288 -7.88 1.06 -6.09
CA VAL A 288 -7.40 2.41 -5.77
C VAL A 288 -8.46 3.45 -6.10
N VAL A 289 -9.19 3.27 -7.24
CA VAL A 289 -10.27 4.22 -7.56
C VAL A 289 -11.29 4.14 -6.39
N GLY A 290 -11.56 2.93 -5.97
CA GLY A 290 -12.49 2.70 -4.83
C GLY A 290 -11.95 3.36 -3.59
N HIS A 291 -10.71 3.04 -3.22
CA HIS A 291 -10.04 3.65 -2.07
C HIS A 291 -10.20 5.15 -2.02
N GLU A 292 -9.87 5.87 -3.08
CA GLU A 292 -9.88 7.33 -3.05
C GLU A 292 -11.33 7.83 -2.91
N TYR A 293 -12.25 7.20 -3.61
CA TYR A 293 -13.66 7.56 -3.45
C TYR A 293 -14.17 7.34 -1.99
N PHE A 294 -13.82 6.21 -1.43
CA PHE A 294 -14.22 5.86 -0.04
C PHE A 294 -13.71 6.87 0.98
N HIS A 295 -12.55 7.49 0.70
CA HIS A 295 -12.04 8.53 1.56
C HIS A 295 -12.98 9.71 1.61
N ASN A 296 -13.92 9.87 0.68
CA ASN A 296 -14.78 11.04 0.74
C ASN A 296 -15.49 11.10 2.11
N TRP A 297 -15.89 9.94 2.63
CA TRP A 297 -16.42 9.86 4.01
C TRP A 297 -15.41 9.59 5.07
N THR A 298 -14.56 8.58 4.81
CA THR A 298 -13.56 8.15 5.79
C THR A 298 -12.24 8.80 5.51
N GLY A 299 -12.17 10.05 5.91
CA GLY A 299 -11.04 10.94 5.73
C GLY A 299 -11.38 12.37 5.43
N ASN A 300 -12.39 12.62 4.55
CA ASN A 300 -12.75 13.94 4.13
C ASN A 300 -13.87 14.48 5.01
N ARG A 301 -15.00 13.79 5.03
CA ARG A 301 -16.12 14.25 5.88
C ARG A 301 -15.79 14.14 7.35
N VAL A 302 -15.09 13.08 7.74
CA VAL A 302 -14.47 12.95 9.04
C VAL A 302 -12.98 12.81 8.78
N THR A 303 -12.21 13.75 9.31
CA THR A 303 -10.77 13.79 9.13
C THR A 303 -9.99 13.45 10.41
N CYS A 304 -8.67 13.64 10.34
CA CYS A 304 -7.69 13.28 11.42
C CYS A 304 -7.36 14.48 12.26
N ARG A 305 -7.42 14.32 13.59
CA ARG A 305 -7.06 15.36 14.53
C ARG A 305 -5.59 15.82 14.37
N ASP A 306 -4.73 14.86 14.05
CA ASP A 306 -3.29 15.05 13.97
C ASP A 306 -2.82 13.84 13.22
N TRP A 307 -1.52 13.85 12.82
CA TRP A 307 -1.02 12.82 11.89
C TRP A 307 -0.73 11.57 12.54
N PHE A 308 -0.66 11.55 13.88
CA PHE A 308 -0.58 10.28 14.59
C PHE A 308 -1.79 9.41 14.38
N GLN A 309 -2.93 10.02 14.06
CA GLN A 309 -4.16 9.30 13.79
C GLN A 309 -4.32 8.86 12.35
N LEU A 310 -3.25 8.85 11.53
CA LEU A 310 -3.39 8.56 10.13
C LEU A 310 -4.20 7.31 9.88
N SER A 311 -3.99 6.29 10.70
CA SER A 311 -4.71 5.02 10.47
C SER A 311 -6.21 5.09 10.61
N LEU A 312 -6.68 6.04 11.33
CA LEU A 312 -8.13 6.38 11.40
C LEU A 312 -8.74 6.48 10.05
N LYS A 313 -8.07 7.22 9.15
CA LYS A 313 -8.50 7.24 7.76
C LYS A 313 -7.96 6.13 6.89
N GLU A 314 -6.70 5.79 7.08
CA GLU A 314 -6.09 4.80 6.11
C GLU A 314 -6.45 3.33 6.41
N GLY A 315 -6.41 2.90 7.68
CA GLY A 315 -6.83 1.54 8.00
C GLY A 315 -8.27 1.29 7.57
N LEU A 316 -9.09 2.25 7.91
CA LEU A 316 -10.54 2.12 7.64
C LEU A 316 -10.81 2.16 6.12
N THR A 317 -10.14 3.02 5.42
CA THR A 317 -10.33 3.09 3.94
C THR A 317 -9.75 1.91 3.23
N VAL A 318 -8.61 1.37 3.69
CA VAL A 318 -8.10 0.14 3.15
C VAL A 318 -9.11 -0.96 3.41
N PHE A 319 -9.67 -1.06 4.60
CA PHE A 319 -10.68 -2.08 4.84
C PHE A 319 -11.87 -1.95 3.86
N ARG A 320 -12.32 -0.73 3.73
CA ARG A 320 -13.35 -0.41 2.72
C ARG A 320 -13.01 -0.81 1.27
N ASP A 321 -11.78 -0.54 0.83
CA ASP A 321 -11.43 -0.97 -0.49
C ASP A 321 -11.38 -2.46 -0.63
N GLN A 322 -10.90 -3.13 0.42
CA GLN A 322 -10.79 -4.58 0.40
C GLN A 322 -12.15 -5.24 0.34
N GLU A 323 -13.10 -4.62 1.05
CA GLU A 323 -14.45 -5.16 1.08
C GLU A 323 -15.15 -4.92 -0.26
N PHE A 324 -14.95 -3.76 -0.83
CA PHE A 324 -15.44 -3.46 -2.20
C PHE A 324 -14.93 -4.47 -3.20
N SER A 325 -13.61 -4.71 -3.21
CA SER A 325 -13.05 -5.62 -4.16
C SER A 325 -13.54 -7.03 -3.97
N GLY A 326 -13.73 -7.39 -2.71
CA GLY A 326 -14.18 -8.68 -2.34
C GLY A 326 -15.64 -8.88 -2.79
N ASP A 327 -16.43 -7.84 -2.63
CA ASP A 327 -17.82 -7.94 -3.02
C ASP A 327 -17.95 -7.98 -4.54
N ARG A 328 -17.00 -7.41 -5.28
CA ARG A 328 -17.02 -7.40 -6.75
C ARG A 328 -16.84 -8.83 -7.23
N ALA A 329 -15.82 -9.52 -6.72
CA ALA A 329 -15.46 -10.85 -7.26
C ALA A 329 -14.45 -11.55 -6.37
N SER A 330 -14.49 -12.88 -6.34
CA SER A 330 -13.35 -13.68 -5.91
C SER A 330 -12.91 -13.28 -4.46
N ARG A 331 -13.85 -13.19 -3.55
CA ARG A 331 -13.56 -12.73 -2.20
C ARG A 331 -12.49 -13.51 -1.47
N ALA A 332 -12.55 -14.83 -1.53
CA ALA A 332 -11.60 -15.63 -0.75
C ALA A 332 -10.21 -15.53 -1.30
N VAL A 333 -10.04 -15.58 -2.60
CA VAL A 333 -8.74 -15.43 -3.18
C VAL A 333 -8.19 -14.03 -2.87
N ARG A 334 -9.03 -13.02 -2.98
CA ARG A 334 -8.57 -11.67 -2.70
C ARG A 334 -8.16 -11.46 -1.26
N ARG A 335 -8.84 -12.11 -0.36
CA ARG A 335 -8.49 -12.08 1.08
C ARG A 335 -7.17 -12.71 1.33
N ILE A 336 -6.88 -13.85 0.68
CA ILE A 336 -5.59 -14.48 0.82
C ILE A 336 -4.50 -13.59 0.26
N GLU A 337 -4.72 -12.98 -0.91
CA GLU A 337 -3.72 -12.07 -1.45
C GLU A 337 -3.33 -10.95 -0.40
N ASN A 338 -4.35 -10.39 0.28
CA ASN A 338 -4.17 -9.37 1.31
C ASN A 338 -3.35 -9.91 2.49
N ILE A 339 -3.67 -11.10 2.93
CA ILE A 339 -2.95 -11.69 4.06
C ILE A 339 -1.49 -11.97 3.70
N ARG A 340 -1.29 -12.45 2.47
CA ARG A 340 0.04 -12.75 1.95
C ARG A 340 0.87 -11.48 1.93
N LEU A 341 0.27 -10.37 1.46
CA LEU A 341 0.92 -9.03 1.42
CA LEU A 341 1.02 -9.14 1.41
C LEU A 341 1.33 -8.64 2.82
N LEU A 342 0.41 -8.74 3.75
CA LEU A 342 0.65 -8.35 5.16
C LEU A 342 1.82 -9.12 5.72
N ARG A 343 1.83 -10.44 5.54
CA ARG A 343 2.92 -11.27 6.06
C ARG A 343 4.21 -11.10 5.38
N GLN A 344 4.19 -10.78 4.11
CA GLN A 344 5.45 -10.63 3.41
C GLN A 344 6.09 -9.29 3.68
N HIS A 345 5.30 -8.25 3.92
CA HIS A 345 5.84 -6.90 3.97
C HIS A 345 5.62 -6.21 5.29
N GLN A 346 4.54 -6.50 5.97
CA GLN A 346 4.27 -5.78 7.23
C GLN A 346 4.88 -6.53 8.38
N PHE A 347 4.87 -7.86 8.36
CA PHE A 347 5.47 -8.63 9.49
C PHE A 347 6.97 -8.33 9.63
N PRO A 348 7.71 -8.22 8.51
CA PRO A 348 9.09 -7.87 8.66
C PRO A 348 9.26 -6.44 9.22
N GLU A 349 8.38 -5.54 8.89
CA GLU A 349 8.40 -4.20 9.47
C GLU A 349 8.27 -4.25 10.99
N ASP A 350 7.26 -4.99 11.47
CA ASP A 350 7.02 -5.11 12.91
C ASP A 350 8.12 -5.86 13.63
N ALA A 351 8.94 -6.67 12.93
CA ALA A 351 10.07 -7.37 13.52
C ALA A 351 11.42 -6.59 13.42
N GLY A 352 11.41 -5.46 12.70
CA GLY A 352 12.58 -4.71 12.44
C GLY A 352 12.76 -3.41 13.17
N PRO A 353 13.82 -2.68 12.82
CA PRO A 353 14.18 -1.48 13.57
C PRO A 353 13.26 -0.31 13.43
N THR A 354 12.41 -0.34 12.38
CA THR A 354 11.48 0.76 12.15
C THR A 354 10.07 0.42 12.65
N ALA A 355 9.92 -0.69 13.40
CA ALA A 355 8.61 -1.04 13.90
C ALA A 355 7.94 0.06 14.67
N HIS A 356 6.62 0.17 14.51
CA HIS A 356 5.84 1.25 15.16
C HIS A 356 4.43 0.77 15.38
N PRO A 357 3.75 1.35 16.39
CA PRO A 357 2.33 1.07 16.47
C PRO A 357 1.51 1.62 15.32
N VAL A 358 0.34 1.02 15.15
CA VAL A 358 -0.64 1.49 14.20
C VAL A 358 -0.87 2.97 14.35
N ARG A 359 -0.88 3.47 15.58
CA ARG A 359 -0.93 4.92 15.93
C ARG A 359 0.37 5.26 16.67
N PRO A 360 1.38 5.74 15.94
CA PRO A 360 2.68 6.05 16.54
C PRO A 360 2.55 7.10 17.62
N ALA A 361 3.42 7.01 18.61
CA ALA A 361 3.52 7.99 19.68
C ALA A 361 4.47 9.15 19.40
N SER A 362 5.31 9.00 18.37
CA SER A 362 6.21 10.05 17.97
C SER A 362 6.65 9.83 16.55
N TYR A 363 7.07 10.91 15.93
CA TYR A 363 7.72 10.83 14.62
C TYR A 363 8.63 12.04 14.43
N GLU A 364 9.62 11.88 13.53
CA GLU A 364 10.39 13.04 13.12
C GLU A 364 9.83 13.60 11.79
N GLU A 365 9.68 12.69 10.82
CA GLU A 365 9.16 13.07 9.50
C GLU A 365 7.91 12.25 9.22
N ASN A 367 6.17 11.76 6.66
CA ASN A 367 6.13 10.95 5.46
C ASN A 367 6.72 9.58 5.60
N ASN A 368 7.47 9.34 6.69
CA ASN A 368 8.02 8.02 6.93
C ASN A 368 7.02 7.03 7.58
N PHE A 369 5.83 7.53 7.83
CA PHE A 369 4.77 6.75 8.47
C PHE A 369 3.59 6.39 7.60
N TYR A 370 3.70 6.49 6.27
CA TYR A 370 2.73 5.96 5.35
C TYR A 370 3.10 4.53 5.06
N THR A 371 2.91 3.67 6.02
CA THR A 371 3.53 2.35 6.03
C THR A 371 2.60 1.19 5.91
N THR A 373 2.27 -0.94 8.14
CA THR A 373 1.64 -1.07 9.49
C THR A 373 0.42 -0.18 9.56
N VAL A 374 0.57 1.09 9.21
CA VAL A 374 -0.59 2.03 9.30
C VAL A 374 -1.76 1.61 8.37
N TYR A 375 -1.42 1.15 7.18
CA TYR A 375 -2.42 0.81 6.21
C TYR A 375 -2.96 -0.63 6.38
N GLU A 376 -2.10 -1.61 6.25
CA GLU A 376 -2.51 -3.00 6.10
C GLU A 376 -2.77 -3.61 7.47
N LYS A 377 -1.86 -3.39 8.44
CA LYS A 377 -2.23 -3.77 9.84
C LYS A 377 -3.37 -2.93 10.32
N GLY A 378 -3.42 -1.67 9.96
CA GLY A 378 -4.55 -0.85 10.28
C GLY A 378 -5.85 -1.46 9.82
N ALA A 379 -5.84 -1.93 8.60
CA ALA A 379 -7.08 -2.53 8.08
C ALA A 379 -7.46 -3.84 8.81
N GLU A 380 -6.46 -4.64 9.17
CA GLU A 380 -6.71 -5.81 9.98
C GLU A 380 -7.38 -5.43 11.30
N VAL A 381 -6.97 -4.33 11.91
CA VAL A 381 -7.50 -3.87 13.17
C VAL A 381 -8.97 -3.51 12.96
N VAL A 382 -9.24 -2.78 11.88
CA VAL A 382 -10.64 -2.46 11.55
C VAL A 382 -11.42 -3.75 11.36
N ARG A 383 -10.88 -4.65 10.57
CA ARG A 383 -11.55 -5.91 10.28
C ARG A 383 -11.88 -6.71 11.55
N TYR A 385 -12.98 -5.40 14.33
CA TYR A 385 -14.30 -4.91 14.82
C TYR A 385 -15.37 -5.68 14.12
N HIS A 386 -15.22 -5.83 12.82
CA HIS A 386 -16.21 -6.63 12.01
C HIS A 386 -16.30 -8.09 12.46
N THR A 387 -15.19 -8.73 12.82
CA THR A 387 -15.21 -10.12 13.26
C THR A 387 -15.90 -10.18 14.61
N LEU A 388 -15.64 -9.20 15.46
CA LEU A 388 -16.23 -9.21 16.82
C LEU A 388 -17.73 -8.85 16.85
N LEU A 389 -18.12 -7.93 15.99
CA LEU A 389 -19.43 -7.28 16.02
C LEU A 389 -20.41 -7.79 15.01
N GLY A 390 -19.90 -8.41 13.94
CA GLY A 390 -20.65 -8.75 12.75
C GLY A 390 -20.92 -7.55 11.85
N GLU A 391 -21.39 -7.83 10.64
CA GLU A 391 -21.68 -6.74 9.69
C GLU A 391 -22.71 -5.74 10.23
N GLU A 392 -23.83 -6.23 10.79
CA GLU A 392 -24.81 -5.30 11.28
C GLU A 392 -24.28 -4.39 12.39
N GLY A 393 -23.58 -4.99 13.33
CA GLY A 393 -22.98 -4.23 14.42
C GLY A 393 -21.89 -3.27 13.97
N PHE A 394 -21.07 -3.73 13.04
CA PHE A 394 -20.08 -2.88 12.40
C PHE A 394 -20.76 -1.63 11.76
N GLN A 395 -21.86 -1.82 11.06
CA GLN A 395 -22.61 -0.70 10.48
C GLN A 395 -23.29 0.16 11.54
N LYS A 396 -23.69 -0.40 12.66
CA LYS A 396 -24.17 0.47 13.75
C LYS A 396 -23.07 1.43 14.25
N GLY A 397 -21.83 0.93 14.33
CA GLY A 397 -20.66 1.73 14.74
C GLY A 397 -20.43 2.83 13.75
N LYS A 399 -22.46 4.20 11.65
CA LYS A 399 -23.56 5.14 11.74
C LYS A 399 -23.35 6.13 12.89
N LEU A 400 -22.96 5.65 14.08
CA LEU A 400 -22.70 6.55 15.21
C LEU A 400 -21.45 7.37 15.00
N TYR A 401 -20.44 6.78 14.35
CA TYR A 401 -19.23 7.52 14.05
C TYR A 401 -19.53 8.74 13.25
N PHE A 402 -20.30 8.61 12.19
CA PHE A 402 -20.65 9.80 11.39
C PHE A 402 -21.62 10.73 12.09
N GLN A 403 -22.54 10.17 12.85
CA GLN A 403 -23.45 11.04 13.62
C GLN A 403 -22.71 11.92 14.57
N ARG A 404 -21.72 11.36 15.26
CA ARG A 404 -20.94 12.15 16.17
C ARG A 404 -19.93 13.11 15.53
N HIS A 405 -19.28 12.62 14.49
CA HIS A 405 -18.05 13.24 14.05
C HIS A 405 -18.00 13.81 12.65
N ASP A 406 -19.09 13.78 11.90
CA ASP A 406 -19.15 14.49 10.60
C ASP A 406 -18.74 15.92 10.75
N GLY A 407 -17.79 16.39 9.94
CA GLY A 407 -17.31 17.74 10.02
C GLY A 407 -16.18 18.02 11.03
N GLN A 408 -15.76 16.98 11.75
CA GLN A 408 -14.72 17.12 12.80
C GLN A 408 -13.43 16.41 12.37
N ALA A 409 -12.37 16.73 13.12
CA ALA A 409 -11.06 16.04 12.98
C ALA A 409 -10.79 15.27 14.25
N VAL A 410 -10.81 13.94 14.19
CA VAL A 410 -10.96 13.07 15.36
C VAL A 410 -9.81 12.07 15.49
N THR A 411 -9.93 11.18 16.46
CA THR A 411 -8.82 10.25 16.73
C THR A 411 -9.24 8.80 16.58
N CYS A 412 -8.25 7.90 16.51
CA CYS A 412 -8.53 6.46 16.52
C CYS A 412 -9.42 6.06 17.74
N ASP A 413 -9.18 6.68 18.89
CA ASP A 413 -9.97 6.43 20.09
C ASP A 413 -11.45 6.69 19.86
N ASP A 414 -11.76 7.75 19.12
CA ASP A 414 -13.16 8.10 18.77
C ASP A 414 -13.86 7.03 17.92
N PHE A 415 -13.11 6.48 16.96
CA PHE A 415 -13.62 5.39 16.18
C PHE A 415 -13.95 4.17 17.05
N ARG A 416 -13.01 3.80 17.90
CA ARG A 416 -13.19 2.67 18.80
C ARG A 416 -14.41 2.88 19.72
N ALA A 417 -14.58 4.10 20.21
CA ALA A 417 -15.70 4.44 21.13
C ALA A 417 -16.98 4.42 20.39
N ALA A 418 -17.02 4.84 19.14
CA ALA A 418 -18.26 4.69 18.39
C ALA A 418 -18.66 3.20 18.21
N ALA A 420 -17.88 0.73 20.14
CA ALA A 420 -18.22 0.23 21.45
C ALA A 420 -19.57 0.75 21.83
N ASP A 421 -19.75 2.05 21.77
CA ASP A 421 -21.00 2.69 22.21
C ASP A 421 -22.22 2.29 21.40
N ALA A 422 -22.07 2.11 20.09
CA ALA A 422 -23.22 1.74 19.24
C ALA A 422 -23.70 0.31 19.51
N ASN A 423 -22.84 -0.52 20.09
CA ASN A 423 -23.14 -1.89 20.30
C ASN A 423 -23.29 -2.26 21.78
N GLY A 424 -23.10 -1.27 22.65
CA GLY A 424 -23.21 -1.46 24.09
C GLY A 424 -22.22 -2.42 24.70
N ILE A 425 -20.99 -2.43 24.20
CA ILE A 425 -19.99 -3.28 24.74
C ILE A 425 -18.73 -2.52 25.09
N ASN A 426 -17.85 -3.16 25.84
CA ASN A 426 -16.66 -2.53 26.33
C ASN A 426 -15.51 -3.00 25.44
N LEU A 427 -14.90 -2.02 24.77
CA LEU A 427 -13.72 -2.34 23.93
C LEU A 427 -12.50 -1.62 24.48
N ASP A 428 -12.43 -1.39 25.77
CA ASP A 428 -11.24 -0.77 26.32
C ASP A 428 -9.90 -1.50 25.99
N GLN A 429 -9.87 -2.80 26.12
CA GLN A 429 -8.66 -3.58 25.85
C GLN A 429 -8.28 -3.50 24.35
N PHE A 430 -9.27 -3.29 23.48
CA PHE A 430 -8.97 -3.16 22.09
C PHE A 430 -8.05 -2.00 21.75
N ALA A 431 -7.97 -0.99 22.57
CA ALA A 431 -7.08 0.12 22.35
C ALA A 431 -5.63 -0.23 22.16
N LEU A 432 -5.23 -1.35 22.71
CA LEU A 432 -3.84 -1.79 22.62
C LEU A 432 -3.47 -2.11 21.16
N TRP A 433 -4.44 -2.40 20.33
CA TRP A 433 -4.16 -2.57 18.89
C TRP A 433 -3.64 -1.34 18.24
N TYR A 434 -3.87 -0.19 18.80
CA TYR A 434 -3.36 1.07 18.27
C TYR A 434 -2.03 1.44 18.89
N SER A 435 -1.79 1.07 20.16
CA SER A 435 -0.64 1.54 20.90
C SER A 435 0.49 0.57 21.04
N GLN A 436 0.24 -0.74 20.90
CA GLN A 436 1.31 -1.72 20.99
C GLN A 436 1.77 -2.19 19.61
N ALA A 437 3.05 -1.93 19.28
CA ALA A 437 3.68 -2.48 18.11
C ALA A 437 4.05 -3.94 18.31
N GLY A 438 4.42 -4.57 17.20
CA GLY A 438 4.87 -5.94 17.20
C GLY A 438 3.82 -6.96 16.88
N THR A 439 4.24 -8.09 16.32
CA THR A 439 3.32 -9.14 15.94
C THR A 439 3.12 -10.07 17.16
N PRO A 440 1.88 -10.17 17.65
CA PRO A 440 1.62 -11.12 18.75
C PRO A 440 1.87 -12.57 18.31
N VAL A 441 2.43 -13.37 19.24
CA VAL A 441 2.72 -14.76 19.02
C VAL A 441 1.80 -15.53 20.02
N LEU A 442 0.99 -16.37 19.44
CA LEU A 442 0.10 -17.32 20.13
C LEU A 442 0.77 -18.71 20.10
N GLU A 443 0.91 -19.32 21.29
CA GLU A 443 1.32 -20.72 21.38
C GLU A 443 0.10 -21.50 21.81
N ALA A 444 -0.33 -22.46 21.00
CA ALA A 444 -1.48 -23.25 21.35
C ALA A 444 -1.21 -24.76 21.34
N GLU A 445 -1.97 -25.45 22.17
CA GLU A 445 -1.95 -26.90 22.31
C GLU A 445 -3.39 -27.31 22.54
N GLY A 446 -3.71 -28.51 22.06
CA GLY A 446 -5.06 -29.04 22.18
C GLY A 446 -5.09 -30.53 22.49
N ARG A 447 -6.22 -30.95 23.05
CA ARG A 447 -6.34 -32.26 23.69
C ARG A 447 -7.81 -32.65 23.64
N LEU A 448 -8.15 -33.80 23.09
CA LEU A 448 -9.50 -34.32 23.25
C LEU A 448 -9.50 -35.26 24.48
N LYS A 449 -10.19 -34.87 25.54
CA LYS A 449 -10.34 -35.72 26.74
C LYS A 449 -11.81 -35.73 27.09
N ASN A 450 -12.33 -36.94 27.30
CA ASN A 450 -13.75 -37.11 27.47
C ASN A 450 -14.37 -36.78 26.13
N ASN A 451 -15.38 -35.93 26.16
CA ASN A 451 -15.88 -35.42 24.94
C ASN A 451 -15.60 -33.94 24.73
N ILE A 452 -14.53 -33.42 25.34
CA ILE A 452 -14.21 -31.99 25.27
C ILE A 452 -12.93 -31.84 24.47
N PHE A 453 -12.90 -30.91 23.51
CA PHE A 453 -11.60 -30.55 22.91
C PHE A 453 -11.18 -29.32 23.65
N GLU A 454 -10.06 -29.45 24.36
CA GLU A 454 -9.51 -28.44 25.21
C GLU A 454 -8.37 -27.76 24.45
N LEU A 455 -8.60 -26.49 24.07
CA LEU A 455 -7.58 -25.67 23.37
C LEU A 455 -7.01 -24.64 24.33
N THR A 456 -5.72 -24.77 24.61
CA THR A 456 -5.06 -23.83 25.46
C THR A 456 -4.30 -22.90 24.56
N VAL A 457 -4.41 -21.60 24.84
CA VAL A 457 -3.67 -20.61 24.02
C VAL A 457 -2.96 -19.58 24.88
N LYS A 458 -1.68 -19.32 24.60
CA LYS A 458 -0.94 -18.35 25.34
C LYS A 458 -0.60 -17.26 24.28
N GLN A 459 -0.52 -16.04 24.74
CA GLN A 459 -0.12 -14.94 23.89
C GLN A 459 1.01 -14.16 24.50
N THR A 460 1.88 -13.67 23.62
CA THR A 460 2.93 -12.80 23.99
C THR A 460 3.17 -11.82 22.85
N VAL A 461 3.68 -10.64 23.16
CA VAL A 461 4.05 -9.63 22.16
C VAL A 461 5.48 -9.16 22.48
N PRO A 462 6.38 -9.23 21.54
CA PRO A 462 7.75 -8.88 21.85
C PRO A 462 7.95 -7.36 22.05
N PRO A 463 8.94 -6.97 22.81
CA PRO A 463 9.40 -5.59 22.83
C PRO A 463 9.68 -5.15 21.40
N THR A 464 9.39 -3.88 21.16
CA THR A 464 9.84 -3.17 19.95
C THR A 464 10.65 -1.96 20.38
N PRO A 465 11.37 -1.28 19.44
CA PRO A 465 12.26 -0.20 19.87
C PRO A 465 11.62 0.91 20.69
N ASP A 466 10.33 1.09 20.47
CA ASP A 466 9.61 2.16 21.11
C ASP A 466 9.06 1.76 22.48
N THR A 468 8.91 -1.70 25.59
CA THR A 468 9.12 -3.06 26.07
C THR A 468 7.94 -3.76 26.66
N ASP A 469 7.21 -3.07 27.51
CA ASP A 469 6.02 -3.60 28.13
C ASP A 469 4.89 -3.80 27.12
N LYS A 470 4.47 -5.05 26.92
CA LYS A 470 3.33 -5.34 26.07
C LYS A 470 2.36 -6.18 26.90
N GLN A 471 1.14 -5.68 27.11
CA GLN A 471 0.12 -6.39 27.88
C GLN A 471 -0.73 -7.25 27.00
N PRO A 472 -1.51 -8.19 27.57
CA PRO A 472 -2.31 -9.03 26.75
C PRO A 472 -3.34 -8.21 25.98
N ILE A 475 -7.85 -10.73 21.21
CA ILE A 475 -7.46 -11.48 20.03
C ILE A 475 -8.53 -12.52 19.68
N PRO A 476 -9.26 -12.34 18.56
CA PRO A 476 -10.26 -13.33 18.16
C PRO A 476 -9.63 -14.42 17.33
N VAL A 477 -9.84 -15.65 17.79
CA VAL A 477 -9.33 -16.82 17.13
C VAL A 477 -10.49 -17.66 16.61
N LYS A 478 -10.68 -17.62 15.29
CA LYS A 478 -11.72 -18.40 14.67
C LYS A 478 -11.30 -19.85 14.47
N VAL A 479 -12.17 -20.78 14.88
CA VAL A 479 -11.82 -22.20 14.89
C VAL A 479 -12.90 -23.14 14.38
N GLY A 480 -12.45 -24.25 13.82
CA GLY A 480 -13.28 -25.43 13.60
C GLY A 480 -12.48 -26.69 13.86
N LEU A 481 -13.12 -27.84 13.61
CA LEU A 481 -12.53 -29.15 13.85
C LEU A 481 -12.78 -30.08 12.69
N LEU A 482 -11.75 -30.81 12.27
CA LEU A 482 -11.84 -31.81 11.23
C LEU A 482 -11.67 -33.24 11.81
N ASN A 483 -12.48 -34.18 11.35
CA ASN A 483 -12.28 -35.60 11.71
C ASN A 483 -11.24 -36.25 10.78
N ARG A 484 -10.98 -37.56 10.97
CA ARG A 484 -9.92 -38.28 10.25
C ARG A 484 -10.10 -38.29 8.71
N ASN A 485 -11.33 -38.16 8.20
CA ASN A 485 -11.51 -37.99 6.74
C ASN A 485 -11.69 -36.53 6.35
N GLY A 486 -11.38 -35.62 7.26
CA GLY A 486 -11.41 -34.20 6.98
C GLY A 486 -12.78 -33.57 6.80
N GLU A 487 -13.84 -34.13 7.36
CA GLU A 487 -15.07 -33.36 7.42
C GLU A 487 -15.23 -32.65 8.74
N ALA A 488 -16.12 -31.68 8.67
CA ALA A 488 -16.40 -30.77 9.75
C ALA A 488 -17.00 -31.58 10.88
N VAL A 489 -16.63 -31.21 12.09
CA VAL A 489 -17.13 -31.82 13.28
C VAL A 489 -17.72 -30.74 14.14
N ALA A 490 -18.96 -30.92 14.56
CA ALA A 490 -19.62 -29.93 15.38
C ALA A 490 -19.22 -30.04 16.82
N PHE A 491 -19.43 -28.95 17.55
CA PHE A 491 -19.09 -28.85 18.94
C PHE A 491 -19.92 -27.78 19.63
N ASP A 492 -19.87 -27.82 20.97
CA ASP A 492 -20.63 -26.91 21.80
C ASP A 492 -19.73 -25.86 22.43
N TYR A 493 -20.13 -24.59 22.32
CA TYR A 493 -19.35 -23.46 22.86
C TYR A 493 -20.29 -22.29 23.17
N GLN A 494 -20.23 -21.82 24.41
CA GLN A 494 -21.17 -20.82 24.93
C GLN A 494 -22.60 -21.10 24.47
N GLY A 495 -23.06 -22.31 24.76
CA GLY A 495 -24.47 -22.67 24.55
C GLY A 495 -24.87 -23.06 23.14
N LYS A 496 -24.05 -22.76 22.14
CA LYS A 496 -24.40 -23.05 20.74
C LYS A 496 -23.63 -24.23 20.17
N ARG A 497 -24.35 -25.07 19.46
CA ARG A 497 -23.79 -26.22 18.75
C ARG A 497 -23.53 -25.75 17.32
N ALA A 498 -22.27 -25.74 16.90
CA ALA A 498 -21.93 -25.24 15.54
C ALA A 498 -20.65 -25.86 15.07
N THR A 499 -20.31 -25.64 13.80
CA THR A 499 -19.07 -26.18 13.23
CA THR A 499 -19.07 -26.19 13.27
C THR A 499 -17.93 -25.14 13.22
N GLU A 500 -18.23 -23.93 13.65
CA GLU A 500 -17.20 -22.83 13.74
C GLU A 500 -17.52 -21.92 14.91
N ALA A 501 -16.49 -21.39 15.56
CA ALA A 501 -16.72 -20.37 16.57
C ALA A 501 -15.55 -19.43 16.63
N VAL A 502 -15.81 -18.25 17.18
CA VAL A 502 -14.75 -17.30 17.44
C VAL A 502 -14.38 -17.36 18.92
N LEU A 503 -13.13 -17.74 19.25
CA LEU A 503 -12.67 -17.84 20.63
C LEU A 503 -11.94 -16.52 20.92
N LEU A 504 -12.36 -15.84 21.97
CA LEU A 504 -11.86 -14.49 22.21
C LEU A 504 -10.82 -14.59 23.34
N LEU A 505 -9.55 -14.50 22.97
CA LEU A 505 -8.49 -14.50 23.91
C LEU A 505 -8.24 -13.10 24.43
N THR A 506 -8.30 -12.87 25.75
CA THR A 506 -8.12 -11.56 26.32
C THR A 506 -7.07 -11.60 27.42
N GLU A 507 -6.66 -12.80 27.83
CA GLU A 507 -5.72 -13.01 28.91
C GLU A 507 -4.40 -13.56 28.35
N ALA A 508 -3.38 -13.54 29.18
CA ALA A 508 -2.07 -14.06 28.76
C ALA A 508 -2.12 -15.54 28.41
N GLU A 509 -2.96 -16.28 29.13
CA GLU A 509 -3.21 -17.69 28.85
C GLU A 509 -4.66 -18.03 29.16
N GLN A 510 -5.32 -18.78 28.28
CA GLN A 510 -6.72 -19.24 28.49
C GLN A 510 -6.92 -20.60 27.91
N THR A 511 -7.86 -21.33 28.47
CA THR A 511 -8.29 -22.57 27.91
C THR A 511 -9.72 -22.46 27.44
N PHE A 512 -9.98 -23.00 26.24
CA PHE A 512 -11.27 -23.00 25.65
C PHE A 512 -11.78 -24.42 25.54
N LEU A 513 -13.03 -24.62 25.94
CA LEU A 513 -13.62 -25.94 25.98
C LEU A 513 -14.69 -26.04 24.91
N LEU A 514 -14.39 -26.85 23.89
CA LEU A 514 -15.32 -27.12 22.84
C LEU A 514 -15.90 -28.49 23.20
N GLU A 515 -17.13 -28.51 23.63
CA GLU A 515 -17.70 -29.71 24.26
C GLU A 515 -18.54 -30.48 23.27
N GLY A 516 -18.93 -31.72 23.63
CA GLY A 516 -19.82 -32.51 22.76
C GLY A 516 -19.18 -33.02 21.50
N VAL A 517 -17.87 -33.22 21.55
CA VAL A 517 -17.11 -33.68 20.40
C VAL A 517 -17.03 -35.21 20.38
N THR A 518 -17.70 -35.82 19.40
CA THR A 518 -17.91 -37.28 19.38
C THR A 518 -16.84 -38.06 18.61
N GLU A 519 -15.84 -37.38 18.07
CA GLU A 519 -14.84 -38.09 17.26
C GLU A 519 -13.45 -37.50 17.35
N ALA A 520 -12.47 -38.24 16.85
CA ALA A 520 -11.09 -37.82 16.90
C ALA A 520 -10.96 -36.61 15.97
N VAL A 521 -10.33 -35.52 16.46
CA VAL A 521 -10.25 -34.26 15.68
C VAL A 521 -8.85 -33.65 15.53
N VAL A 522 -8.69 -32.85 14.47
CA VAL A 522 -7.54 -31.96 14.28
C VAL A 522 -8.17 -30.58 14.14
N PRO A 523 -7.74 -29.62 14.96
CA PRO A 523 -8.35 -28.29 14.87
C PRO A 523 -7.89 -27.50 13.66
N SER A 524 -8.79 -26.69 13.16
CA SER A 524 -8.50 -25.65 12.15
C SER A 524 -8.52 -24.31 12.89
N LEU A 525 -7.43 -23.54 12.80
CA LEU A 525 -7.25 -22.39 13.68
C LEU A 525 -6.94 -21.13 12.91
N LEU A 526 -7.41 -20.01 13.50
CA LEU A 526 -7.22 -18.65 12.93
C LEU A 526 -7.86 -18.54 11.55
N ARG A 527 -9.03 -19.15 11.38
CA ARG A 527 -9.77 -19.17 10.12
C ARG A 527 -9.97 -17.77 9.61
N GLY A 528 -9.75 -17.60 8.32
CA GLY A 528 -9.90 -16.29 7.69
C GLY A 528 -8.84 -15.31 8.15
N PHE A 529 -7.76 -15.79 8.75
CA PHE A 529 -6.76 -14.97 9.41
C PHE A 529 -7.45 -14.00 10.35
N SER A 530 -8.05 -14.55 11.38
CA SER A 530 -8.99 -13.77 12.19
C SER A 530 -8.31 -12.73 13.07
N ALA A 531 -6.98 -12.75 13.25
CA ALA A 531 -6.24 -11.67 13.98
C ALA A 531 -4.84 -11.70 13.35
N PRO A 532 -4.12 -10.57 13.37
CA PRO A 532 -2.88 -10.46 12.62
C PRO A 532 -1.73 -10.90 13.55
N VAL A 533 -1.58 -12.21 13.69
CA VAL A 533 -0.69 -12.80 14.69
C VAL A 533 0.04 -13.98 14.06
N HIS A 534 1.06 -14.44 14.77
CA HIS A 534 1.76 -15.69 14.52
CA HIS A 534 1.73 -15.70 14.47
C HIS A 534 1.12 -16.74 15.42
N LEU A 535 0.65 -17.85 14.87
CA LEU A 535 0.09 -18.95 15.68
C LEU A 535 0.97 -20.19 15.51
N ASN A 536 1.39 -20.78 16.63
CA ASN A 536 2.17 -21.99 16.64
C ASN A 536 1.28 -23.04 17.30
N TYR A 537 1.01 -24.10 16.57
CA TYR A 537 0.25 -25.22 17.07
C TYR A 537 0.97 -26.43 16.51
N PRO A 538 1.07 -27.54 17.28
CA PRO A 538 1.87 -28.66 16.81
C PRO A 538 1.12 -29.47 15.81
N TYR A 539 1.51 -29.38 14.56
CA TYR A 539 0.85 -30.13 13.52
C TYR A 539 1.85 -31.06 12.90
N SER A 540 1.39 -32.27 12.60
CA SER A 540 2.23 -33.23 11.88
C SER A 540 2.13 -32.92 10.41
N ASP A 541 3.07 -33.41 9.62
CA ASP A 541 2.94 -33.21 8.18
C ASP A 541 1.64 -33.85 7.69
N ASP A 542 1.24 -35.00 8.25
CA ASP A 542 -0.07 -35.54 7.85
C ASP A 542 -1.28 -34.66 8.18
N ASP A 543 -1.29 -34.05 9.37
CA ASP A 543 -2.29 -33.06 9.75
C ASP A 543 -2.33 -31.90 8.74
N LEU A 544 -1.15 -31.43 8.33
CA LEU A 544 -1.07 -30.38 7.27
C LEU A 544 -1.65 -30.87 5.93
N LEU A 545 -1.37 -32.11 5.51
CA LEU A 545 -1.96 -32.62 4.25
C LEU A 545 -3.46 -32.69 4.37
N LEU A 546 -3.95 -33.14 5.53
CA LEU A 546 -5.37 -33.17 5.77
C LEU A 546 -6.04 -31.79 5.66
N LEU A 547 -5.46 -30.82 6.32
CA LEU A 547 -5.99 -29.46 6.25
C LEU A 547 -6.01 -28.96 4.78
N LEU A 548 -4.89 -29.14 4.07
CA LEU A 548 -4.79 -28.71 2.71
C LEU A 548 -5.82 -29.35 1.81
N ALA A 549 -6.03 -30.64 2.02
CA ALA A 549 -6.96 -31.40 1.17
C ALA A 549 -8.41 -31.14 1.49
N HIS A 550 -8.71 -30.86 2.74
CA HIS A 550 -10.09 -30.91 3.15
C HIS A 550 -10.69 -29.77 3.92
N ASP A 551 -9.90 -28.84 4.46
CA ASP A 551 -10.52 -27.79 5.29
C ASP A 551 -11.44 -26.93 4.45
N SER A 552 -12.48 -26.40 5.07
CA SER A 552 -13.45 -25.59 4.36
C SER A 552 -13.00 -24.11 4.30
N ASP A 553 -11.97 -23.74 5.03
CA ASP A 553 -11.60 -22.34 5.04
C ASP A 553 -10.42 -22.11 4.09
N ALA A 554 -10.50 -21.07 3.28
CA ALA A 554 -9.38 -20.78 2.36
C ALA A 554 -8.09 -20.51 3.06
N PHE A 555 -8.09 -19.64 4.08
CA PHE A 555 -6.83 -19.27 4.70
C PHE A 555 -6.15 -20.48 5.33
N THR A 556 -6.90 -21.26 6.09
CA THR A 556 -6.23 -22.37 6.78
C THR A 556 -5.70 -23.42 5.78
N ARG A 557 -6.34 -23.63 4.65
CA ARG A 557 -5.75 -24.58 3.64
C ARG A 557 -4.49 -24.04 3.06
N TRP A 558 -4.53 -22.76 2.66
CA TRP A 558 -3.36 -22.08 2.15
C TRP A 558 -2.22 -22.05 3.16
N GLU A 559 -2.54 -21.77 4.42
CA GLU A 559 -1.57 -21.81 5.50
C GLU A 559 -0.91 -23.17 5.68
N ALA A 560 -1.68 -24.23 5.50
CA ALA A 560 -1.13 -25.60 5.54
C ALA A 560 -0.13 -25.77 4.39
N ALA A 561 -0.46 -25.34 3.18
CA ALA A 561 0.50 -25.42 2.08
C ALA A 561 1.74 -24.60 2.38
N GLN A 562 1.57 -23.35 2.83
CA GLN A 562 2.69 -22.51 3.17
C GLN A 562 3.65 -23.15 4.20
N THR A 563 3.08 -23.80 5.20
CA THR A 563 3.83 -24.51 6.25
C THR A 563 4.62 -25.70 5.68
N LEU A 564 4.01 -26.40 4.73
CA LEU A 564 4.71 -27.53 4.06
C LEU A 564 5.85 -27.04 3.26
N TYR A 565 5.66 -25.95 2.54
CA TYR A 565 6.79 -25.37 1.83
C TYR A 565 7.89 -24.85 2.77
N ARG A 566 7.55 -24.13 3.84
CA ARG A 566 8.56 -23.68 4.80
C ARG A 566 9.40 -24.85 5.39
N ARG A 567 8.70 -25.92 5.73
CA ARG A 567 9.39 -27.10 6.30
C ARG A 567 10.31 -27.72 5.22
N ALA A 568 9.89 -27.70 3.96
CA ALA A 568 10.69 -28.21 2.88
C ALA A 568 11.93 -27.37 2.67
N VAL A 569 11.76 -26.05 2.77
CA VAL A 569 12.94 -25.19 2.61
C VAL A 569 13.92 -25.41 3.77
N ALA A 570 13.39 -25.59 4.98
CA ALA A 570 14.24 -25.86 6.14
C ALA A 570 14.96 -27.14 5.95
N ALA A 571 14.27 -28.15 5.43
CA ALA A 571 14.95 -29.40 5.11
C ALA A 571 16.09 -29.21 4.10
N ASN A 572 15.89 -28.38 3.09
CA ASN A 572 16.94 -28.10 2.05
C ASN A 572 18.09 -27.32 2.68
N LEU A 573 17.78 -26.42 3.61
CA LEU A 573 18.86 -25.70 4.23
C LEU A 573 19.75 -26.66 4.98
N ALA A 574 19.15 -27.63 5.69
CA ALA A 574 19.95 -28.65 6.43
C ALA A 574 20.79 -29.53 5.53
N THR A 575 20.27 -30.00 4.39
CA THR A 575 21.12 -30.79 3.51
C THR A 575 22.23 -30.00 2.88
N LEU A 576 21.92 -28.81 2.37
CA LEU A 576 22.89 -27.97 1.70
C LEU A 576 24.00 -27.63 2.67
N SER A 577 23.65 -27.50 3.95
CA SER A 577 24.58 -27.18 5.00
C SER A 577 25.51 -28.36 5.29
N ASP A 578 24.94 -29.57 5.30
CA ASP A 578 25.74 -30.79 5.53
C ASP A 578 26.45 -31.25 4.30
N GLY A 579 26.30 -30.57 3.18
CA GLY A 579 26.88 -31.00 1.92
C GLY A 579 26.37 -32.33 1.38
N VAL A 580 25.12 -32.70 1.74
CA VAL A 580 24.50 -33.94 1.22
C VAL A 580 23.44 -33.67 0.15
N GLU A 581 22.94 -34.74 -0.43
CA GLU A 581 21.90 -34.70 -1.45
C GLU A 581 20.65 -34.02 -0.89
N LEU A 582 19.86 -33.39 -1.76
CA LEU A 582 18.61 -32.76 -1.30
C LEU A 582 17.60 -33.81 -0.81
N PRO A 583 16.68 -33.44 0.09
CA PRO A 583 15.63 -34.35 0.49
C PRO A 583 14.75 -34.78 -0.66
N LYS A 584 14.06 -35.91 -0.44
CA LYS A 584 13.08 -36.47 -1.39
C LYS A 584 11.81 -35.61 -1.44
N HIS A 585 11.41 -35.05 -0.29
CA HIS A 585 10.16 -34.26 -0.14
C HIS A 585 8.98 -35.09 -0.63
N GLU A 586 8.92 -36.37 -0.26
CA GLU A 586 7.88 -37.22 -0.86
C GLU A 586 6.47 -36.82 -0.51
N LYS A 587 6.22 -36.51 0.74
CA LYS A 587 4.90 -36.08 1.16
C LYS A 587 4.46 -34.72 0.57
N LEU A 588 5.39 -33.77 0.47
CA LEU A 588 5.06 -32.49 -0.13
C LEU A 588 4.67 -32.73 -1.60
N LEU A 589 5.50 -33.47 -2.32
CA LEU A 589 5.22 -33.78 -3.74
C LEU A 589 3.90 -34.48 -3.95
N ALA A 590 3.56 -35.39 -3.06
CA ALA A 590 2.20 -35.96 -3.06
C ALA A 590 1.09 -34.93 -2.88
N ALA A 591 1.26 -34.00 -1.96
CA ALA A 591 0.28 -32.95 -1.72
C ALA A 591 0.12 -32.01 -2.91
N VAL A 592 1.23 -31.67 -3.55
CA VAL A 592 1.21 -30.77 -4.67
C VAL A 592 0.56 -31.47 -5.83
N GLU A 593 0.91 -32.75 -6.07
CA GLU A 593 0.22 -33.47 -7.14
C GLU A 593 -1.30 -33.44 -6.98
N LYS A 594 -1.80 -33.62 -5.75
CA LYS A 594 -3.25 -33.54 -5.48
C LYS A 594 -3.81 -32.17 -5.83
N VAL A 595 -3.06 -31.12 -5.47
CA VAL A 595 -3.50 -29.77 -5.81
C VAL A 595 -3.55 -29.58 -7.31
N ILE A 596 -2.50 -29.98 -8.04
CA ILE A 596 -2.42 -29.77 -9.47
C ILE A 596 -3.63 -30.47 -10.08
N SER A 597 -3.92 -31.67 -9.57
CA SER A 597 -4.92 -32.50 -10.20
C SER A 597 -6.33 -32.21 -9.74
N ASP A 598 -6.52 -31.38 -8.71
CA ASP A 598 -7.88 -31.15 -8.21
C ASP A 598 -8.61 -30.14 -9.11
N ASP A 599 -9.58 -30.60 -9.88
CA ASP A 599 -10.28 -29.70 -10.80
C ASP A 599 -11.47 -28.99 -10.18
N LEU A 600 -11.68 -29.14 -8.89
CA LEU A 600 -12.73 -28.38 -8.24
C LEU A 600 -12.23 -27.13 -7.56
N LEU A 601 -10.91 -27.01 -7.43
CA LEU A 601 -10.38 -25.81 -6.86
C LEU A 601 -10.52 -24.67 -7.83
N ASP A 602 -10.94 -23.55 -7.28
CA ASP A 602 -10.78 -22.31 -7.96
C ASP A 602 -9.37 -22.14 -8.57
N ASN A 603 -9.25 -21.71 -9.81
CA ASN A 603 -7.92 -21.62 -10.40
C ASN A 603 -7.00 -20.61 -9.80
N ALA A 604 -7.53 -19.46 -9.40
CA ALA A 604 -6.70 -18.45 -8.73
C ALA A 604 -6.29 -18.97 -7.37
N PHE A 605 -7.15 -19.72 -6.71
CA PHE A 605 -6.78 -20.33 -5.43
C PHE A 605 -5.72 -21.43 -5.60
N LYS A 606 -5.87 -22.27 -6.61
CA LYS A 606 -4.82 -23.20 -6.97
C LYS A 606 -3.49 -22.50 -7.16
N ALA A 607 -3.52 -21.38 -7.88
CA ALA A 607 -2.27 -20.64 -8.16
C ALA A 607 -1.58 -20.25 -6.84
N LEU A 608 -2.38 -19.74 -5.91
CA LEU A 608 -1.85 -19.37 -4.57
C LEU A 608 -1.29 -20.57 -3.76
N LEU A 609 -1.97 -21.71 -3.87
CA LEU A 609 -1.51 -22.91 -3.21
C LEU A 609 -0.20 -23.41 -3.78
N LEU A 610 0.19 -22.96 -4.96
CA LEU A 610 1.43 -23.37 -5.65
C LEU A 610 2.52 -22.30 -5.56
N GLY A 611 2.29 -21.27 -4.76
CA GLY A 611 3.25 -20.20 -4.48
C GLY A 611 4.05 -20.54 -3.20
N VAL A 612 5.36 -20.42 -3.25
CA VAL A 612 6.26 -20.69 -2.13
C VAL A 612 6.56 -19.40 -1.41
N PRO A 613 6.59 -19.43 -0.08
CA PRO A 613 6.84 -18.16 0.63
C PRO A 613 8.14 -17.51 0.22
N SER A 614 8.20 -16.18 0.38
CA SER A 614 9.38 -15.47 -0.04
C SER A 614 10.52 -15.74 0.91
N GLU A 615 11.73 -15.44 0.46
CA GLU A 615 12.90 -15.52 1.32
C GLU A 615 12.73 -14.79 2.66
N ALA A 616 12.19 -13.59 2.63
CA ALA A 616 11.91 -12.86 3.90
C ALA A 616 10.96 -13.58 4.83
N GLU A 617 9.91 -14.21 4.28
CA GLU A 617 9.08 -15.03 5.20
C GLU A 617 9.84 -16.17 5.78
N LEU A 618 10.73 -16.74 4.97
CA LEU A 618 11.42 -17.93 5.37
C LEU A 618 12.45 -17.62 6.45
N TRP A 619 13.09 -16.48 6.39
CA TRP A 619 14.08 -16.13 7.39
C TRP A 619 13.52 -15.29 8.55
N ASP A 620 12.21 -15.11 8.55
CA ASP A 620 11.57 -14.47 9.72
C ASP A 620 11.96 -15.19 11.01
N GLY A 621 12.39 -14.41 12.01
CA GLY A 621 12.69 -14.98 13.30
C GLY A 621 14.16 -15.44 13.41
N ALA A 622 14.91 -15.50 12.31
CA ALA A 622 16.32 -15.94 12.34
C ALA A 622 17.28 -14.83 12.65
N GLU A 623 18.45 -15.24 13.11
CA GLU A 623 19.55 -14.33 13.35
C GLU A 623 20.69 -14.86 12.46
N ASN A 624 21.65 -13.99 12.27
CA ASN A 624 22.85 -14.27 11.52
C ASN A 624 22.55 -14.84 10.17
N ILE A 625 21.66 -14.16 9.47
CA ILE A 625 21.09 -14.65 8.23
C ILE A 625 22.11 -14.48 7.09
N ASP A 626 22.31 -15.51 6.30
CA ASP A 626 22.99 -15.34 4.99
C ASP A 626 21.91 -15.42 3.92
N PRO A 627 21.50 -14.30 3.33
CA PRO A 627 20.32 -14.33 2.50
C PRO A 627 20.49 -15.26 1.29
N LEU A 628 21.72 -15.43 0.82
CA LEU A 628 21.94 -16.29 -0.33
CA LEU A 628 21.95 -16.30 -0.33
C LEU A 628 21.73 -17.77 0.00
N ARG A 629 21.98 -18.18 1.24
CA ARG A 629 21.66 -19.54 1.62
C ARG A 629 20.15 -19.80 1.57
N TYR A 630 19.34 -18.83 2.04
CA TYR A 630 17.89 -18.97 1.95
C TYR A 630 17.43 -18.95 0.50
N HIS A 631 18.05 -18.10 -0.31
CA HIS A 631 17.72 -18.03 -1.71
C HIS A 631 18.07 -19.38 -2.37
N GLN A 632 19.22 -19.91 -2.03
CA GLN A 632 19.68 -21.22 -2.63
C GLN A 632 18.67 -22.33 -2.28
N ALA A 633 18.24 -22.37 -1.03
CA ALA A 633 17.31 -23.38 -0.58
C ALA A 633 15.93 -23.22 -1.19
N ARG A 634 15.48 -21.97 -1.31
CA ARG A 634 14.21 -21.76 -1.96
C ARG A 634 14.23 -22.08 -3.46
N GLU A 635 15.29 -21.67 -4.13
CA GLU A 635 15.42 -21.98 -5.55
C GLU A 635 15.47 -23.50 -5.75
N ALA A 636 16.10 -24.22 -4.85
CA ALA A 636 16.22 -25.72 -4.99
C ALA A 636 14.80 -26.37 -4.89
N LEU A 637 14.01 -25.87 -3.96
CA LEU A 637 12.59 -26.24 -3.86
C LEU A 637 11.80 -25.98 -5.16
N LEU A 638 11.86 -24.76 -5.66
CA LEU A 638 11.15 -24.42 -6.89
C LEU A 638 11.65 -25.29 -8.05
N ASP A 639 12.97 -25.46 -8.15
CA ASP A 639 13.58 -26.36 -9.19
C ASP A 639 13.04 -27.81 -9.12
N THR A 640 13.00 -28.36 -7.93
CA THR A 640 12.44 -29.69 -7.69
C THR A 640 11.00 -29.73 -8.15
N LEU A 641 10.23 -28.72 -7.76
CA LEU A 641 8.83 -28.69 -8.15
C LEU A 641 8.72 -28.55 -9.68
N ALA A 642 9.60 -27.73 -10.28
CA ALA A 642 9.54 -27.46 -11.72
C ALA A 642 9.77 -28.80 -12.47
N VAL A 643 10.91 -29.41 -12.15
CA VAL A 643 11.35 -30.64 -12.86
C VAL A 643 10.44 -31.79 -12.55
N HIS A 644 10.11 -31.99 -11.29
CA HIS A 644 9.32 -33.17 -10.93
C HIS A 644 8.00 -33.21 -11.71
N PHE A 645 7.34 -32.08 -11.77
CA PHE A 645 6.03 -32.04 -12.42
C PHE A 645 6.02 -31.44 -13.86
N LEU A 646 7.16 -31.34 -14.57
CA LEU A 646 7.21 -30.68 -15.87
C LEU A 646 6.08 -31.01 -16.82
N PRO A 647 5.84 -32.30 -17.12
CA PRO A 647 4.69 -32.65 -17.97
C PRO A 647 3.35 -32.12 -17.49
N LYS A 648 3.08 -32.13 -16.19
CA LYS A 648 1.83 -31.60 -15.63
C LYS A 648 1.70 -30.06 -15.70
N TRP A 649 2.85 -29.36 -15.59
CA TRP A 649 2.86 -27.88 -15.75
C TRP A 649 2.46 -27.54 -17.21
N HIS A 650 2.99 -28.29 -18.19
CA HIS A 650 2.55 -28.12 -19.55
C HIS A 650 1.06 -28.43 -19.72
N GLU A 651 0.59 -29.51 -19.12
CA GLU A 651 -0.82 -29.86 -19.21
C GLU A 651 -1.80 -28.84 -18.62
N LEU A 652 -1.49 -28.31 -17.45
CA LEU A 652 -2.28 -27.27 -16.85
C LEU A 652 -2.23 -26.00 -17.69
N ASN A 653 -1.08 -25.68 -18.31
CA ASN A 653 -0.96 -24.55 -19.22
C ASN A 653 -1.96 -24.72 -20.37
N ARG A 654 -1.97 -25.90 -20.95
CA ARG A 654 -2.89 -26.17 -22.07
C ARG A 654 -4.33 -26.09 -21.64
N GLN A 655 -4.68 -26.63 -20.49
CA GLN A 655 -6.06 -26.54 -20.05
C GLN A 655 -6.44 -25.06 -19.88
N ALA A 656 -5.54 -24.27 -19.33
CA ALA A 656 -5.85 -22.86 -19.13
C ALA A 656 -5.95 -22.07 -20.45
N ALA A 657 -5.18 -22.42 -21.47
CA ALA A 657 -5.30 -21.75 -22.72
C ALA A 657 -6.71 -22.08 -23.28
N LYS A 658 -7.14 -23.33 -23.13
CA LYS A 658 -8.46 -23.77 -23.61
C LYS A 658 -9.64 -23.10 -22.88
N GLN A 659 -9.57 -22.99 -21.57
CA GLN A 659 -10.66 -22.45 -20.77
C GLN A 659 -10.75 -20.91 -20.88
N GLU A 660 -9.62 -20.25 -21.07
CA GLU A 660 -9.61 -18.79 -21.32
C GLU A 660 -10.37 -18.50 -22.58
N ASN A 661 -10.24 -19.37 -23.57
CA ASN A 661 -11.14 -19.34 -24.67
C ASN A 661 -11.10 -18.02 -25.45
N GLN A 662 -9.90 -17.54 -25.65
CA GLN A 662 -9.67 -16.38 -26.46
C GLN A 662 -10.34 -15.13 -25.86
N SER A 663 -10.65 -15.17 -24.59
CA SER A 663 -11.27 -14.00 -23.95
C SER A 663 -10.18 -13.13 -23.31
N TYR A 664 -9.53 -12.28 -24.11
CA TYR A 664 -8.33 -11.61 -23.67
C TYR A 664 -8.57 -10.35 -22.84
N GLU A 665 -9.79 -9.82 -22.88
CA GLU A 665 -10.10 -8.69 -22.07
C GLU A 665 -10.07 -9.05 -20.60
N TYR A 666 -9.99 -8.02 -19.76
CA TYR A 666 -10.05 -8.25 -18.34
C TYR A 666 -11.43 -8.72 -17.87
N SER A 667 -11.49 -9.82 -17.16
CA SER A 667 -12.65 -10.14 -16.35
C SER A 667 -12.10 -10.97 -15.22
N PRO A 668 -12.79 -11.03 -14.07
CA PRO A 668 -12.36 -11.88 -12.97
C PRO A 668 -12.29 -13.40 -13.30
N GLU A 669 -13.16 -13.89 -14.15
CA GLU A 669 -13.15 -15.32 -14.51
C GLU A 669 -11.96 -15.70 -15.43
N ALA A 670 -11.75 -14.89 -16.46
CA ALA A 670 -10.62 -15.13 -17.36
C ALA A 670 -9.30 -14.93 -16.65
N ALA A 671 -9.28 -13.99 -15.70
CA ALA A 671 -8.08 -13.65 -15.02
C ALA A 671 -7.58 -14.81 -14.17
N GLY A 672 -8.47 -15.60 -13.58
CA GLY A 672 -7.97 -16.64 -12.71
C GLY A 672 -7.30 -17.77 -13.50
N TRP A 673 -7.82 -18.07 -14.70
CA TRP A 673 -7.09 -19.03 -15.61
C TRP A 673 -5.76 -18.50 -16.01
N ARG A 674 -5.67 -17.21 -16.23
CA ARG A 674 -4.41 -16.65 -16.64
C ARG A 674 -3.40 -16.67 -15.52
N THR A 675 -3.84 -16.41 -14.31
CA THR A 675 -2.98 -16.45 -13.14
C THR A 675 -2.34 -17.84 -13.03
N LEU A 676 -3.21 -18.86 -13.11
CA LEU A 676 -2.76 -20.25 -13.15
C LEU A 676 -1.77 -20.53 -14.28
N ARG A 677 -2.08 -20.13 -15.46
CA ARG A 677 -1.15 -20.28 -16.58
C ARG A 677 0.21 -19.65 -16.36
N ASN A 678 0.24 -18.47 -15.74
CA ASN A 678 1.49 -17.85 -15.52
C ASN A 678 2.37 -18.55 -14.47
N VAL A 679 1.72 -19.24 -13.53
CA VAL A 679 2.46 -20.08 -12.57
C VAL A 679 3.08 -21.28 -13.32
N CYS A 680 2.30 -21.86 -14.20
CA CYS A 680 2.81 -22.98 -15.02
C CYS A 680 3.96 -22.53 -15.91
N ARG A 681 3.86 -21.38 -16.52
CA ARG A 681 4.97 -20.88 -17.39
C ARG A 681 6.26 -20.77 -16.62
N ALA A 682 6.18 -20.15 -15.44
CA ALA A 682 7.34 -20.04 -14.60
C ALA A 682 8.01 -21.37 -14.29
N PHE A 683 7.23 -22.37 -13.93
CA PHE A 683 7.77 -23.70 -13.60
C PHE A 683 8.34 -24.35 -14.87
N VAL A 684 7.63 -24.26 -15.98
CA VAL A 684 8.16 -24.85 -17.24
C VAL A 684 9.55 -24.30 -17.57
N LEU A 685 9.74 -22.98 -17.55
CA LEU A 685 11.01 -22.37 -17.89
C LEU A 685 12.10 -22.59 -16.89
N ARG A 686 11.74 -22.93 -15.66
CA ARG A 686 12.72 -23.33 -14.64
C ARG A 686 13.28 -24.71 -15.01
N ALA A 687 12.39 -25.61 -15.34
CA ALA A 687 12.79 -27.01 -15.65
C ALA A 687 13.48 -27.17 -17.00
N ASP A 688 12.94 -26.48 -17.99
CA ASP A 688 13.38 -26.52 -19.37
C ASP A 688 13.64 -25.13 -19.94
N PRO A 689 14.79 -24.51 -19.55
CA PRO A 689 15.13 -23.17 -20.07
C PRO A 689 15.19 -23.06 -21.57
N ALA A 690 15.49 -24.17 -22.26
CA ALA A 690 15.51 -24.15 -23.70
C ALA A 690 14.19 -23.90 -24.34
N HIS A 691 13.09 -24.14 -23.62
CA HIS A 691 11.79 -23.80 -24.09
C HIS A 691 11.65 -22.31 -24.44
N ILE A 692 12.56 -21.47 -23.94
CA ILE A 692 12.58 -20.01 -24.31
C ILE A 692 12.67 -19.83 -25.84
N GLU A 693 13.37 -20.71 -26.59
CA GLU A 693 13.47 -20.46 -28.01
C GLU A 693 12.16 -20.83 -28.71
N THR A 694 11.44 -21.81 -28.19
CA THR A 694 10.10 -22.11 -28.69
C THR A 694 9.12 -21.00 -28.38
N VAL A 695 9.21 -20.49 -27.15
CA VAL A 695 8.54 -19.21 -26.77
C VAL A 695 8.85 -18.10 -27.79
N ALA A 696 10.13 -17.83 -28.07
CA ALA A 696 10.49 -16.76 -28.95
C ALA A 696 9.85 -16.91 -30.32
N GLU A 697 9.84 -18.13 -30.84
CA GLU A 697 9.36 -18.44 -32.18
C GLU A 697 7.92 -18.12 -32.25
N LYS A 698 7.23 -18.44 -31.19
CA LYS A 698 5.76 -18.26 -31.23
C LYS A 698 5.24 -17.04 -30.38
N TYR A 699 6.12 -16.08 -30.13
CA TYR A 699 5.80 -15.02 -29.17
C TYR A 699 4.62 -14.21 -29.58
N GLY A 700 4.65 -13.77 -30.82
CA GLY A 700 3.57 -12.94 -31.35
C GLY A 700 2.23 -13.57 -31.17
N GLU A 701 2.16 -14.88 -31.43
CA GLU A 701 0.95 -15.60 -31.22
C GLU A 701 0.56 -15.69 -29.74
N ALA A 703 1.37 -13.52 -27.44
CA ALA A 703 1.25 -12.14 -26.90
C ALA A 703 -0.08 -11.58 -27.17
N GLN A 704 -1.14 -12.15 -26.58
CA GLN A 704 -2.49 -11.71 -26.93
C GLN A 704 -3.02 -10.61 -26.00
N ASN A 705 -2.37 -10.45 -24.85
CA ASN A 705 -2.62 -9.35 -23.94
C ASN A 705 -1.36 -9.19 -23.09
N THR A 707 -1.10 -9.47 -19.80
CA THR A 707 -0.99 -10.53 -18.83
C THR A 707 -0.16 -11.63 -19.38
N HIS A 708 -0.37 -11.98 -20.64
CA HIS A 708 0.47 -13.02 -21.26
C HIS A 708 1.90 -12.57 -21.50
N GLU A 709 2.11 -11.39 -22.04
CA GLU A 709 3.48 -10.86 -22.28
C GLU A 709 4.22 -10.76 -20.99
N TRP A 710 3.57 -10.23 -19.94
CA TRP A 710 4.28 -10.10 -18.65
C TRP A 710 4.57 -11.47 -18.05
N GLY A 711 3.58 -12.35 -18.10
CA GLY A 711 3.69 -13.74 -17.60
C GLY A 711 4.91 -14.47 -18.28
N ILE A 712 5.02 -14.35 -19.61
CA ILE A 712 6.11 -14.94 -20.30
C ILE A 712 7.47 -14.32 -19.94
N LEU A 713 7.54 -13.00 -20.06
CA LEU A 713 8.74 -12.29 -19.75
C LEU A 713 9.19 -12.55 -18.32
N SER A 714 8.25 -12.59 -17.36
CA SER A 714 8.56 -12.91 -15.96
CA SER A 714 8.58 -12.90 -15.97
C SER A 714 9.14 -14.33 -15.81
N ALA A 715 8.54 -15.28 -16.54
CA ALA A 715 9.01 -16.64 -16.53
C ALA A 715 10.43 -16.83 -17.12
N VAL A 716 10.80 -16.06 -18.13
CA VAL A 716 12.10 -16.24 -18.76
C VAL A 716 13.14 -15.27 -18.14
N ASN A 717 12.72 -14.39 -17.23
CA ASN A 717 13.57 -13.25 -16.84
C ASN A 717 14.93 -13.66 -16.23
N GLY A 718 14.95 -14.77 -15.53
CA GLY A 718 16.20 -15.29 -14.96
C GLY A 718 17.00 -16.19 -15.84
N ASN A 719 16.55 -16.44 -17.06
CA ASN A 719 17.19 -17.40 -18.03
C ASN A 719 18.49 -16.78 -18.53
N GLU A 720 19.56 -17.58 -18.52
CA GLU A 720 20.88 -17.19 -19.04
C GLU A 720 21.04 -17.14 -20.58
N SER A 721 20.00 -17.52 -21.29
CA SER A 721 20.08 -17.46 -22.72
C SER A 721 20.13 -16.04 -23.15
N ASP A 722 20.78 -15.82 -24.27
CA ASP A 722 20.76 -14.53 -24.93
C ASP A 722 19.34 -14.15 -25.40
N THR A 723 18.51 -15.15 -25.66
CA THR A 723 17.16 -14.91 -26.07
C THR A 723 16.43 -14.07 -25.03
N ARG A 724 16.72 -14.30 -23.78
CA ARG A 724 16.05 -13.49 -22.76
C ARG A 724 16.30 -11.99 -23.03
N ASN A 725 17.56 -11.64 -23.24
CA ASN A 725 17.90 -10.22 -23.52
C ASN A 725 17.22 -9.72 -24.79
N ARG A 726 17.13 -10.57 -25.81
CA ARG A 726 16.49 -10.19 -27.04
C ARG A 726 14.97 -9.93 -26.88
N LEU A 727 14.30 -10.82 -26.13
CA LEU A 727 12.85 -10.64 -25.89
C LEU A 727 12.62 -9.33 -25.10
N LEU A 728 13.45 -9.07 -24.12
CA LEU A 728 13.30 -7.82 -23.36
C LEU A 728 13.52 -6.60 -24.25
N ALA A 729 14.56 -6.63 -25.12
CA ALA A 729 14.77 -5.50 -26.02
C ALA A 729 13.63 -5.31 -26.97
N GLN A 730 12.99 -6.39 -27.40
CA GLN A 730 11.89 -6.29 -28.31
C GLN A 730 10.66 -5.67 -27.63
N PHE A 731 10.51 -6.04 -26.38
CA PHE A 731 9.43 -5.47 -25.51
C PHE A 731 9.57 -3.99 -25.36
N ALA A 732 10.76 -3.55 -25.03
CA ALA A 732 11.06 -2.10 -24.91
C ALA A 732 10.84 -1.36 -26.19
N ASP A 733 11.17 -1.98 -27.32
CA ASP A 733 10.92 -1.32 -28.55
C ASP A 733 9.44 -1.26 -28.88
N LYS A 734 8.73 -2.35 -28.67
CA LYS A 734 7.31 -2.42 -29.00
C LYS A 734 6.51 -1.38 -28.21
N PHE A 735 6.87 -1.19 -26.95
CA PHE A 735 6.03 -0.39 -26.08
C PHE A 735 6.76 0.91 -25.67
N SER A 736 7.70 1.38 -26.49
CA SER A 736 8.57 2.51 -26.10
C SER A 736 7.82 3.79 -25.73
N ASP A 737 6.68 3.96 -26.36
CA ASP A 737 5.78 5.10 -26.17
C ASP A 737 4.81 5.04 -24.98
N ASP A 738 4.80 3.93 -24.24
CA ASP A 738 3.91 3.75 -23.14
C ASP A 738 4.69 3.69 -21.81
N ALA A 739 4.64 4.79 -21.07
CA ALA A 739 5.49 4.88 -19.90
C ALA A 739 5.23 3.85 -18.84
N LEU A 740 3.97 3.44 -18.73
CA LEU A 740 3.65 2.38 -17.77
C LEU A 740 4.16 1.00 -18.15
N VAL A 741 4.24 0.70 -19.46
CA VAL A 741 4.89 -0.51 -19.87
C VAL A 741 6.39 -0.41 -19.75
N ASP A 743 7.84 1.01 -17.33
CA ASP A 743 8.03 0.64 -15.90
C ASP A 743 8.20 -0.88 -15.77
N LYS A 744 7.38 -1.67 -16.49
CA LYS A 744 7.51 -3.12 -16.48
C LYS A 744 8.83 -3.61 -17.01
N TYR A 745 9.31 -3.01 -18.09
CA TYR A 745 10.64 -3.35 -18.61
C TYR A 745 11.69 -3.14 -17.53
N PHE A 746 11.69 -1.94 -16.88
CA PHE A 746 12.73 -1.68 -15.90
C PHE A 746 12.63 -2.61 -14.71
N ALA A 747 11.41 -2.98 -14.33
CA ALA A 747 11.24 -3.94 -13.25
C ALA A 747 11.82 -5.33 -13.61
N LEU A 748 11.66 -5.79 -14.83
CA LEU A 748 12.32 -7.00 -15.29
C LEU A 748 13.83 -6.85 -15.27
N VAL A 749 14.35 -5.70 -15.71
CA VAL A 749 15.80 -5.48 -15.64
C VAL A 749 16.30 -5.62 -14.20
N GLY A 750 15.67 -4.94 -13.25
CA GLY A 750 16.11 -4.91 -11.90
C GLY A 750 15.90 -6.21 -11.10
N SER A 751 14.89 -7.03 -11.48
CA SER A 751 14.52 -8.22 -10.74
C SER A 751 15.14 -9.52 -11.18
N SER A 752 15.87 -9.49 -12.29
CA SER A 752 16.43 -10.71 -12.86
C SER A 752 17.42 -11.40 -11.92
N ARG A 753 17.27 -12.71 -11.81
CA ARG A 753 18.20 -13.61 -11.12
CA ARG A 753 18.23 -13.55 -11.10
C ARG A 753 19.42 -13.97 -11.99
N ARG A 754 19.50 -13.50 -13.23
CA ARG A 754 20.74 -13.76 -14.03
C ARG A 754 21.95 -13.29 -13.29
N SER A 755 23.15 -13.80 -13.63
CA SER A 755 24.36 -13.28 -12.99
C SER A 755 24.77 -11.83 -13.28
N ASP A 756 24.41 -11.31 -14.44
CA ASP A 756 24.81 -9.98 -14.87
C ASP A 756 23.84 -8.84 -14.56
N THR A 757 22.95 -9.01 -13.56
CA THR A 757 21.94 -7.96 -13.34
C THR A 757 22.51 -6.62 -12.96
N LEU A 758 23.51 -6.56 -12.13
CA LEU A 758 24.00 -5.23 -11.70
C LEU A 758 24.44 -4.42 -12.92
N GLN A 759 25.25 -4.96 -13.85
CA GLN A 759 25.64 -4.10 -15.01
C GLN A 759 24.48 -3.83 -15.97
N GLN A 760 23.53 -4.75 -16.11
CA GLN A 760 22.31 -4.41 -16.90
C GLN A 760 21.50 -3.28 -16.26
N VAL A 761 21.39 -3.31 -14.95
CA VAL A 761 20.75 -2.19 -14.23
C VAL A 761 21.49 -0.89 -14.45
N ARG A 762 22.83 -0.92 -14.41
CA ARG A 762 23.60 0.31 -14.65
C ARG A 762 23.44 0.85 -16.05
N THR A 763 23.41 -0.04 -17.02
CA THR A 763 23.05 0.39 -18.38
C THR A 763 21.65 0.97 -18.46
N ALA A 764 20.71 0.34 -17.78
CA ALA A 764 19.37 0.83 -17.81
C ALA A 764 19.16 2.25 -17.24
N LEU A 765 19.95 2.61 -16.26
CA LEU A 765 20.01 4.00 -15.80
C LEU A 765 20.10 5.00 -16.89
N GLN A 766 20.78 4.62 -17.95
CA GLN A 766 20.98 5.54 -19.10
C GLN A 766 20.12 5.29 -20.29
N HIS A 767 19.08 4.49 -20.12
CA HIS A 767 18.13 4.23 -21.20
C HIS A 767 17.38 5.52 -21.44
N PRO A 768 17.01 5.84 -22.66
CA PRO A 768 16.38 7.10 -22.97
C PRO A 768 15.01 7.27 -22.29
N LYS A 769 14.34 6.17 -21.95
CA LYS A 769 13.07 6.23 -21.26
C LYS A 769 13.19 6.15 -19.76
N PHE A 770 14.37 6.00 -19.20
CA PHE A 770 14.52 6.06 -17.77
C PHE A 770 14.72 7.50 -17.31
N SER A 771 14.07 7.82 -16.20
CA SER A 771 14.33 9.06 -15.50
C SER A 771 14.41 8.76 -14.01
N LEU A 772 15.52 9.09 -13.40
CA LEU A 772 15.70 8.88 -11.95
C LEU A 772 14.71 9.71 -11.14
N GLU A 773 14.36 10.87 -11.72
CA GLU A 773 13.48 11.84 -11.06
C GLU A 773 12.02 11.44 -11.13
N ASN A 774 11.68 10.37 -11.83
CA ASN A 774 10.32 9.88 -11.91
C ASN A 774 10.12 8.75 -10.91
N PRO A 775 9.25 8.90 -9.92
CA PRO A 775 9.19 7.86 -8.91
C PRO A 775 8.83 6.48 -9.45
N ASN A 776 7.95 6.37 -10.45
CA ASN A 776 7.59 5.05 -10.96
C ASN A 776 8.81 4.35 -11.59
N LYS A 777 9.58 5.12 -12.32
CA LYS A 777 10.82 4.57 -12.94
C LYS A 777 11.86 4.13 -11.88
N ALA A 778 12.14 5.00 -10.93
CA ALA A 778 13.09 4.73 -9.92
C ALA A 778 12.68 3.52 -9.07
N ARG A 779 11.42 3.41 -8.68
CA ARG A 779 10.92 2.25 -7.97
C ARG A 779 11.04 1.01 -8.83
N SER A 780 10.66 1.10 -10.09
CA SER A 780 10.71 -0.10 -10.94
C SER A 780 12.12 -0.64 -11.12
N LEU A 781 13.09 0.23 -11.44
CA LEU A 781 14.44 -0.28 -11.66
C LEU A 781 15.22 -0.52 -10.37
N ILE A 782 15.40 0.55 -9.65
CA ILE A 782 16.24 0.60 -8.45
CA ILE A 782 16.25 0.54 -8.47
C ILE A 782 15.59 -0.15 -7.28
N GLY A 783 14.32 0.15 -7.06
CA GLY A 783 13.52 -0.57 -6.10
C GLY A 783 13.52 -2.04 -6.30
N SER A 784 13.31 -2.48 -7.53
CA SER A 784 13.35 -3.92 -7.82
C SER A 784 14.71 -4.54 -7.53
N PHE A 785 15.75 -3.83 -7.90
CA PHE A 785 17.11 -4.33 -7.63
C PHE A 785 17.29 -4.47 -6.13
N SER A 786 16.83 -3.48 -5.35
CA SER A 786 16.98 -3.51 -3.90
C SER A 786 16.28 -4.70 -3.23
N ARG A 787 15.31 -5.29 -3.88
CA ARG A 787 14.56 -6.43 -3.42
C ARG A 787 14.99 -7.71 -4.08
N ASN A 788 16.04 -7.65 -4.92
CA ASN A 788 16.50 -8.77 -5.66
C ASN A 788 17.55 -9.49 -4.86
N VAL A 789 17.11 -10.53 -4.14
CA VAL A 789 17.96 -11.11 -3.09
C VAL A 789 19.39 -11.44 -3.45
N PRO A 790 19.63 -12.22 -4.49
CA PRO A 790 21.03 -12.62 -4.77
C PRO A 790 21.94 -11.44 -5.14
N HIS A 791 21.37 -10.39 -5.69
CA HIS A 791 22.11 -9.27 -6.13
C HIS A 791 22.26 -8.20 -5.10
N PHE A 792 21.18 -7.76 -4.46
CA PHE A 792 21.29 -6.84 -3.40
C PHE A 792 22.19 -7.32 -2.26
N HIS A 793 22.07 -8.61 -1.93
CA HIS A 793 22.88 -9.20 -0.88
C HIS A 793 24.16 -9.92 -1.35
N ALA A 794 24.65 -9.55 -2.53
CA ALA A 794 25.89 -10.11 -3.05
C ALA A 794 27.00 -10.02 -2.04
N GLU A 795 27.76 -11.08 -1.90
CA GLU A 795 28.77 -11.19 -0.83
C GLU A 795 29.79 -10.09 -0.94
N ASP A 796 30.11 -9.65 -2.16
CA ASP A 796 31.10 -8.59 -2.38
C ASP A 796 30.68 -7.15 -1.92
N GLY A 797 29.39 -7.05 -1.55
CA GLY A 797 28.80 -5.82 -1.18
C GLY A 797 28.47 -4.86 -2.31
N SER A 798 28.54 -5.32 -3.57
CA SER A 798 28.28 -4.44 -4.72
C SER A 798 26.83 -3.93 -4.73
N GLY A 799 25.94 -4.75 -4.27
CA GLY A 799 24.50 -4.41 -4.17
C GLY A 799 24.27 -3.33 -3.12
N TYR A 800 24.86 -3.53 -1.95
CA TYR A 800 24.77 -2.52 -0.92
C TYR A 800 25.33 -1.20 -1.35
N ARG A 801 26.54 -1.21 -1.97
CA ARG A 801 27.11 0.08 -2.38
CA ARG A 801 27.12 0.07 -2.37
C ARG A 801 26.27 0.77 -3.43
N PHE A 802 25.77 0.02 -4.38
CA PHE A 802 24.92 0.59 -5.47
C PHE A 802 23.68 1.24 -4.88
N ILE A 803 22.97 0.51 -4.01
CA ILE A 803 21.75 1.07 -3.42
C ILE A 803 22.04 2.29 -2.53
N ALA A 804 23.13 2.25 -1.78
CA ALA A 804 23.56 3.39 -1.00
C ALA A 804 23.82 4.63 -1.85
N ASP A 805 24.56 4.42 -2.95
CA ASP A 805 24.83 5.51 -3.85
C ASP A 805 23.51 6.12 -4.38
N LYS A 806 22.54 5.27 -4.68
CA LYS A 806 21.26 5.80 -5.22
C LYS A 806 20.40 6.44 -4.16
N VAL A 807 20.47 5.98 -2.91
CA VAL A 807 19.78 6.72 -1.78
C VAL A 807 20.34 8.12 -1.71
N ILE A 808 21.68 8.25 -1.80
CA ILE A 808 22.37 9.51 -1.74
C ILE A 808 21.97 10.41 -2.89
N GLU A 809 21.94 9.89 -4.12
CA GLU A 809 21.61 10.70 -5.29
C GLU A 809 20.13 11.16 -5.25
N ILE A 810 19.24 10.22 -4.96
CA ILE A 810 17.79 10.49 -4.99
C ILE A 810 17.46 11.47 -3.90
N ASP A 811 18.14 11.36 -2.79
CA ASP A 811 17.77 12.16 -1.66
C ASP A 811 18.03 13.62 -1.97
N ARG A 812 18.90 13.91 -2.95
CA ARG A 812 19.13 15.26 -3.28
C ARG A 812 17.88 16.02 -3.84
N PHE A 813 16.93 15.28 -4.40
CA PHE A 813 15.78 15.91 -5.01
C PHE A 813 14.45 15.30 -4.54
N ASN A 814 14.44 14.07 -4.04
CA ASN A 814 13.15 13.47 -3.55
C ASN A 814 13.38 12.59 -2.34
N PRO A 815 13.43 13.23 -1.17
CA PRO A 815 13.66 12.47 0.03
C PRO A 815 12.66 11.35 0.27
N GLN A 816 11.42 11.51 -0.19
CA GLN A 816 10.41 10.45 0.04
C GLN A 816 10.74 9.14 -0.60
N VAL A 817 11.21 9.21 -1.84
CA VAL A 817 11.58 8.02 -2.53
C VAL A 817 12.86 7.42 -1.89
N ALA A 818 13.81 8.31 -1.56
CA ALA A 818 15.08 7.89 -0.95
C ALA A 818 14.85 7.18 0.39
N ALA A 819 13.94 7.68 1.20
CA ALA A 819 13.66 7.09 2.50
C ALA A 819 12.92 5.77 2.46
N ARG A 820 12.18 5.56 1.37
CA ARG A 820 11.57 4.26 1.10
C ARG A 820 12.63 3.27 0.61
N LEU A 821 13.53 3.74 -0.27
CA LEU A 821 14.63 2.89 -0.75
C LEU A 821 15.58 2.42 0.31
N VAL A 822 15.94 3.32 1.23
CA VAL A 822 16.96 3.03 2.20
C VAL A 822 16.48 1.92 3.17
N GLN A 823 15.15 1.71 3.22
CA GLN A 823 14.63 0.57 4.00
C GLN A 823 15.01 -0.83 3.54
N ALA A 824 15.59 -0.93 2.32
CA ALA A 824 16.20 -2.17 1.89
C ALA A 824 17.26 -2.62 2.88
N PHE A 825 17.81 -1.73 3.68
CA PHE A 825 18.84 -2.04 4.65
C PHE A 825 18.28 -2.45 6.00
N ASN A 826 16.96 -2.53 6.11
CA ASN A 826 16.37 -2.80 7.43
C ASN A 826 16.79 -4.10 8.12
N LEU A 827 17.21 -5.08 7.37
CA LEU A 827 17.61 -6.37 7.94
C LEU A 827 18.96 -6.35 8.64
N CYS A 828 19.67 -5.24 8.53
CA CYS A 828 21.07 -5.08 9.06
C CYS A 828 21.46 -5.88 10.28
N ASN A 829 20.78 -5.69 11.40
CA ASN A 829 21.13 -6.34 12.68
C ASN A 829 21.05 -7.83 12.62
N LYS A 830 20.24 -8.35 11.70
CA LYS A 830 20.01 -9.77 11.62
C LYS A 830 20.87 -10.52 10.56
N LEU A 831 21.68 -9.79 9.85
CA LEU A 831 22.60 -10.37 8.83
C LEU A 831 23.83 -11.02 9.47
N GLU A 832 24.38 -12.01 8.79
CA GLU A 832 25.63 -12.63 9.13
C GLU A 832 26.73 -11.54 9.06
N PRO A 833 27.85 -11.75 9.80
CA PRO A 833 28.71 -10.65 10.12
C PRO A 833 29.38 -9.97 8.90
N HIS A 834 29.68 -10.71 7.85
CA HIS A 834 30.35 -10.07 6.71
C HIS A 834 29.46 -9.04 5.99
N ARG A 835 28.22 -9.46 5.78
CA ARG A 835 27.25 -8.56 5.11
C ARG A 835 26.87 -7.41 6.07
N LYS A 836 26.72 -7.78 7.32
CA LYS A 836 26.31 -6.78 8.31
C LYS A 836 27.32 -5.62 8.30
N ASN A 837 28.61 -5.97 8.31
CA ASN A 837 29.67 -4.99 8.31
C ASN A 837 29.55 -4.09 7.08
N LEU A 838 29.27 -4.67 5.92
CA LEU A 838 29.14 -3.88 4.68
C LEU A 838 27.89 -3.00 4.67
N VAL A 839 26.79 -3.52 5.24
CA VAL A 839 25.53 -2.74 5.35
C VAL A 839 25.81 -1.52 6.26
N LYS A 840 26.45 -1.75 7.40
CA LYS A 840 26.76 -0.66 8.33
C LYS A 840 27.64 0.36 7.65
N GLN A 841 28.64 -0.06 6.90
CA GLN A 841 29.42 0.93 6.13
C GLN A 841 28.61 1.79 5.19
N ALA A 842 27.69 1.17 4.47
CA ALA A 842 26.80 1.86 3.50
C ALA A 842 25.97 2.88 4.29
N LEU A 843 25.40 2.44 5.42
CA LEU A 843 24.55 3.35 6.21
C LEU A 843 25.35 4.49 6.81
N GLN A 844 26.60 4.27 7.25
CA GLN A 844 27.43 5.37 7.75
C GLN A 844 27.74 6.34 6.61
N ARG A 845 27.99 5.83 5.40
CA ARG A 845 28.27 6.71 4.27
C ARG A 845 27.02 7.62 3.97
N ILE A 846 25.84 7.04 4.01
CA ILE A 846 24.63 7.82 3.82
C ILE A 846 24.55 8.90 4.90
N ARG A 847 24.76 8.48 6.14
CA ARG A 847 24.68 9.44 7.28
C ARG A 847 25.67 10.57 7.11
N ALA A 848 26.83 10.29 6.51
CA ALA A 848 27.89 11.30 6.41
C ALA A 848 27.66 12.30 5.31
N GLN A 849 26.63 12.16 4.48
CA GLN A 849 26.30 13.17 3.53
C GLN A 849 25.87 14.46 4.08
N GLU A 850 26.49 15.55 3.62
CA GLU A 850 26.03 16.88 4.01
C GLU A 850 24.66 17.11 3.41
N GLY A 851 23.75 17.63 4.24
CA GLY A 851 22.41 18.06 3.83
C GLY A 851 21.46 16.86 3.62
N LEU A 852 21.82 15.69 4.13
CA LEU A 852 20.92 14.52 4.10
C LEU A 852 19.56 14.93 4.65
N SER A 853 18.48 14.50 3.98
CA SER A 853 17.15 14.85 4.48
C SER A 853 16.84 14.32 5.90
N LYS A 854 15.96 15.03 6.57
CA LYS A 854 15.32 14.47 7.77
C LYS A 854 14.63 13.09 7.53
N ASP A 855 14.03 12.92 6.36
CA ASP A 855 13.33 11.69 6.00
C ASP A 855 14.29 10.48 6.08
N VAL A 856 15.42 10.62 5.38
CA VAL A 856 16.35 9.49 5.32
C VAL A 856 17.13 9.38 6.63
N GLY A 857 17.51 10.52 7.20
CA GLY A 857 18.14 10.54 8.53
C GLY A 857 17.39 9.77 9.61
N GLU A 858 16.06 9.96 9.65
CA GLU A 858 15.28 9.26 10.64
C GLU A 858 15.35 7.75 10.50
N ILE A 859 15.28 7.28 9.28
CA ILE A 859 15.36 5.87 9.03
C ILE A 859 16.73 5.29 9.31
N VAL A 860 17.79 5.96 8.83
CA VAL A 860 19.14 5.49 9.04
C VAL A 860 19.41 5.40 10.54
N GLY A 861 18.97 6.41 11.29
CA GLY A 861 19.18 6.43 12.73
C GLY A 861 18.56 5.20 13.38
N LYS A 862 17.34 4.86 12.95
CA LYS A 862 16.67 3.66 13.49
C LYS A 862 17.39 2.37 13.25
N ILE A 863 17.95 2.23 12.04
CA ILE A 863 18.71 1.06 11.70
C ILE A 863 20.06 1.06 12.43
N LEU A 864 20.81 2.19 12.40
CA LEU A 864 22.20 2.20 12.93
C LEU A 864 22.31 2.29 14.41
N ASP A 865 21.50 3.12 15.01
CA ASP A 865 21.79 3.50 16.33
C ASP A 865 21.08 2.67 17.39
#